data_6MP4
#
_entry.id   6MP4
#
_cell.length_a   79.185
_cell.length_b   79.291
_cell.length_c   234.621
_cell.angle_alpha   90.000
_cell.angle_beta   90.000
_cell.angle_gamma   90.000
#
_symmetry.space_group_name_H-M   'P 21 21 21'
#
loop_
_entity.id
_entity.type
_entity.pdbx_description
1 polymer 'Fatty acid-binding protein, liver'
2 non-polymer 'MALONATE ION'
3 non-polymer (6aR,10aR)-6,6,9-trimethyl-3-pentyl-6a,7,8,10a-tetrahydro-6H-benzo[c]chromen-1-ol
4 water water
#
_entity_poly.entity_id   1
_entity_poly.type   'polypeptide(L)'
_entity_poly.pdbx_seq_one_letter_code
;MHHHHHHSSGVDLGTENLYFQSMSFSGKYQLQSQENFEAFMKAIGLPEELIQKGKDIKGVSEIVQNGKHFKFTITAGSKV
IQNEFTVGEECELETMTGEKVKTVVQLEGDNKLVTTFKNIKSVTELNGDIITNTMTLGDIVFKRISKRI
;
_entity_poly.pdbx_strand_id   A,B,C,D,E,F,G,H
#
# COMPACT_ATOMS: atom_id res chain seq x y z
N GLY A 14 -14.89 -66.50 -23.90
CA GLY A 14 -15.65 -65.46 -24.57
C GLY A 14 -15.68 -64.16 -23.79
N THR A 15 -16.04 -63.08 -24.48
CA THR A 15 -16.10 -61.75 -23.88
C THR A 15 -17.47 -61.15 -24.14
N GLU A 16 -17.83 -60.16 -23.31
CA GLU A 16 -19.08 -59.43 -23.44
C GLU A 16 -18.80 -57.94 -23.58
N ASN A 17 -19.71 -57.25 -24.27
CA ASN A 17 -19.59 -55.82 -24.53
C ASN A 17 -20.60 -55.05 -23.67
N LEU A 18 -20.10 -54.10 -22.90
CA LEU A 18 -20.91 -53.24 -22.03
C LEU A 18 -20.84 -51.83 -22.59
N TYR A 19 -21.94 -51.37 -23.19
CA TYR A 19 -21.98 -50.08 -23.88
C TYR A 19 -22.62 -49.02 -22.98
N PHE A 20 -21.89 -47.92 -22.76
CA PHE A 20 -22.39 -46.80 -21.98
C PHE A 20 -22.23 -45.51 -22.78
N GLN A 21 -22.96 -44.49 -22.37
CA GLN A 21 -22.90 -43.17 -23.00
C GLN A 21 -22.99 -42.09 -21.94
N SER A 22 -22.10 -41.10 -22.04
CA SER A 22 -22.08 -39.98 -21.10
C SER A 22 -21.99 -38.67 -21.86
N MET A 23 -22.33 -37.58 -21.16
CA MET A 23 -22.08 -36.25 -21.69
C MET A 23 -20.58 -36.00 -21.82
N SER A 24 -20.21 -35.20 -22.82
CA SER A 24 -18.81 -34.87 -23.03
C SER A 24 -18.31 -33.96 -21.92
N PHE A 25 -17.36 -34.46 -21.12
CA PHE A 25 -16.75 -33.66 -20.07
C PHE A 25 -15.62 -32.77 -20.57
N SER A 26 -15.21 -32.92 -21.83
CA SER A 26 -14.09 -32.14 -22.37
C SER A 26 -14.42 -30.66 -22.38
N GLY A 27 -13.44 -29.85 -22.00
CA GLY A 27 -13.59 -28.41 -22.01
C GLY A 27 -12.75 -27.77 -20.93
N LYS A 28 -12.65 -26.45 -21.02
CA LYS A 28 -11.97 -25.64 -20.01
C LYS A 28 -13.02 -24.99 -19.12
N TYR A 29 -12.81 -25.08 -17.80
CA TYR A 29 -13.81 -24.69 -16.82
C TYR A 29 -13.24 -23.62 -15.90
N GLN A 30 -13.95 -22.51 -15.75
CA GLN A 30 -13.54 -21.41 -14.89
C GLN A 30 -14.22 -21.55 -13.54
N LEU A 31 -13.41 -21.71 -12.49
CA LEU A 31 -13.94 -21.81 -11.14
C LEU A 31 -14.66 -20.52 -10.76
N GLN A 32 -15.89 -20.66 -10.28
CA GLN A 32 -16.72 -19.52 -9.91
C GLN A 32 -17.06 -19.50 -8.43
N SER A 33 -17.53 -20.63 -7.88
CA SER A 33 -17.89 -20.71 -6.47
C SER A 33 -17.08 -21.80 -5.80
N GLN A 34 -16.79 -21.61 -4.52
CA GLN A 34 -15.96 -22.53 -3.76
C GLN A 34 -16.30 -22.39 -2.28
N GLU A 35 -16.65 -23.51 -1.65
CA GLU A 35 -17.05 -23.53 -0.25
C GLU A 35 -16.18 -24.50 0.54
N ASN A 36 -15.82 -24.10 1.75
CA ASN A 36 -15.07 -24.95 2.69
C ASN A 36 -13.70 -25.33 2.13
N PHE A 37 -13.05 -24.39 1.45
CA PHE A 37 -11.69 -24.62 0.98
C PHE A 37 -10.74 -24.80 2.16
N GLU A 38 -10.73 -23.83 3.09
CA GLU A 38 -9.81 -23.88 4.22
C GLU A 38 -10.07 -25.09 5.09
N ALA A 39 -11.35 -25.36 5.39
CA ALA A 39 -11.69 -26.50 6.24
C ALA A 39 -11.24 -27.81 5.62
N PHE A 40 -11.48 -27.99 4.32
CA PHE A 40 -11.10 -29.24 3.66
C PHE A 40 -9.59 -29.40 3.58
N MET A 41 -8.89 -28.33 3.18
CA MET A 41 -7.43 -28.40 3.07
C MET A 41 -6.78 -28.62 4.43
N LYS A 42 -7.36 -28.04 5.48
CA LYS A 42 -6.87 -28.31 6.83
C LYS A 42 -7.09 -29.76 7.22
N ALA A 43 -8.22 -30.35 6.82
CA ALA A 43 -8.51 -31.73 7.17
C ALA A 43 -7.55 -32.70 6.51
N ILE A 44 -7.15 -32.43 5.26
CA ILE A 44 -6.22 -33.30 4.57
C ILE A 44 -4.77 -33.00 4.90
N GLY A 45 -4.51 -32.04 5.79
CA GLY A 45 -3.16 -31.75 6.22
C GLY A 45 -2.36 -30.83 5.33
N LEU A 46 -3.02 -29.95 4.59
CA LEU A 46 -2.30 -28.97 3.79
C LEU A 46 -1.67 -27.92 4.71
N PRO A 47 -0.41 -27.55 4.48
CA PRO A 47 0.23 -26.55 5.34
C PRO A 47 -0.54 -25.23 5.33
N GLU A 48 -0.65 -24.63 6.52
CA GLU A 48 -1.38 -23.37 6.65
C GLU A 48 -0.80 -22.27 5.76
N GLU A 49 0.50 -22.33 5.50
CA GLU A 49 1.12 -21.38 4.58
C GLU A 49 0.47 -21.46 3.19
N LEU A 50 0.34 -22.67 2.65
CA LEU A 50 -0.25 -22.84 1.33
C LEU A 50 -1.76 -22.61 1.35
N ILE A 51 -2.42 -22.87 2.48
CA ILE A 51 -3.87 -22.69 2.55
C ILE A 51 -4.24 -21.23 2.32
N GLN A 52 -3.64 -20.32 3.10
CA GLN A 52 -3.90 -18.90 2.93
C GLN A 52 -3.38 -18.40 1.58
N LYS A 53 -2.38 -19.07 1.02
CA LYS A 53 -1.79 -18.63 -0.24
C LYS A 53 -2.75 -18.84 -1.42
N GLY A 54 -3.51 -19.94 -1.41
CA GLY A 54 -4.38 -20.28 -2.51
C GLY A 54 -5.86 -20.29 -2.24
N LYS A 55 -6.31 -19.80 -1.09
CA LYS A 55 -7.73 -19.91 -0.73
C LYS A 55 -8.62 -19.08 -1.64
N ASP A 56 -8.10 -17.99 -2.21
CA ASP A 56 -8.90 -17.09 -3.02
C ASP A 56 -8.64 -17.22 -4.51
N ILE A 57 -7.74 -18.12 -4.92
CA ILE A 57 -7.44 -18.30 -6.33
C ILE A 57 -8.60 -19.05 -7.00
N LYS A 58 -9.16 -18.45 -8.05
CA LYS A 58 -10.22 -19.05 -8.85
C LYS A 58 -9.68 -19.21 -10.26
N GLY A 59 -8.98 -20.32 -10.50
CA GLY A 59 -8.32 -20.55 -11.77
C GLY A 59 -9.18 -21.31 -12.76
N VAL A 60 -8.53 -21.79 -13.81
CA VAL A 60 -9.20 -22.50 -14.90
C VAL A 60 -8.68 -23.93 -14.93
N SER A 61 -9.61 -24.89 -14.94
CA SER A 61 -9.29 -26.30 -15.07
C SER A 61 -9.74 -26.81 -16.43
N GLU A 62 -9.08 -27.86 -16.90
CA GLU A 62 -9.35 -28.43 -18.22
C GLU A 62 -9.56 -29.94 -18.10
N ILE A 63 -10.53 -30.45 -18.83
CA ILE A 63 -10.78 -31.89 -18.92
C ILE A 63 -10.67 -32.29 -20.39
N VAL A 64 -10.02 -33.43 -20.64
CA VAL A 64 -9.88 -33.99 -21.97
C VAL A 64 -10.41 -35.41 -21.92
N GLN A 65 -11.59 -35.63 -22.48
CA GLN A 65 -12.24 -36.95 -22.48
C GLN A 65 -12.21 -37.53 -23.89
N ASN A 66 -11.63 -38.73 -24.02
CA ASN A 66 -11.59 -39.46 -25.28
CA ASN A 66 -11.59 -39.46 -25.28
C ASN A 66 -12.18 -40.84 -25.01
N GLY A 67 -13.51 -40.92 -25.03
CA GLY A 67 -14.19 -42.17 -24.73
C GLY A 67 -14.28 -42.40 -23.24
N LYS A 68 -13.72 -43.51 -22.76
CA LYS A 68 -13.66 -43.81 -21.34
C LYS A 68 -12.34 -43.39 -20.71
N HIS A 69 -11.53 -42.62 -21.41
CA HIS A 69 -10.25 -42.16 -20.92
CA HIS A 69 -10.25 -42.16 -20.92
C HIS A 69 -10.30 -40.66 -20.69
N PHE A 70 -9.80 -40.21 -19.53
CA PHE A 70 -9.83 -38.80 -19.16
C PHE A 70 -8.43 -38.29 -18.89
N LYS A 71 -8.18 -37.05 -19.31
CA LYS A 71 -6.98 -36.29 -18.94
C LYS A 71 -7.46 -34.95 -18.42
N PHE A 72 -7.25 -34.70 -17.12
CA PHE A 72 -7.75 -33.48 -16.50
C PHE A 72 -6.64 -32.76 -15.75
N THR A 73 -6.54 -31.46 -15.98
CA THR A 73 -5.54 -30.59 -15.36
C THR A 73 -6.28 -29.59 -14.48
N ILE A 74 -6.18 -29.77 -13.16
CA ILE A 74 -6.98 -29.02 -12.20
C ILE A 74 -6.09 -28.02 -11.48
N THR A 75 -6.55 -26.77 -11.40
CA THR A 75 -5.89 -25.72 -10.63
C THR A 75 -6.56 -25.63 -9.27
N ALA A 76 -5.88 -26.11 -8.23
CA ALA A 76 -6.39 -26.13 -6.87
C ALA A 76 -5.50 -25.28 -5.99
N GLY A 77 -6.03 -24.16 -5.52
CA GLY A 77 -5.23 -23.24 -4.73
C GLY A 77 -4.07 -22.72 -5.54
N SER A 78 -2.86 -22.92 -5.03
CA SER A 78 -1.63 -22.53 -5.71
C SER A 78 -0.96 -23.71 -6.42
N LYS A 79 -1.66 -24.83 -6.57
CA LYS A 79 -1.10 -26.04 -7.15
C LYS A 79 -1.82 -26.39 -8.45
N VAL A 80 -1.06 -26.92 -9.41
CA VAL A 80 -1.61 -27.47 -10.64
C VAL A 80 -1.34 -28.96 -10.63
N ILE A 81 -2.39 -29.76 -10.49
CA ILE A 81 -2.27 -31.22 -10.39
C ILE A 81 -2.84 -31.83 -11.66
N GLN A 82 -2.04 -32.65 -12.33
CA GLN A 82 -2.45 -33.33 -13.56
C GLN A 82 -2.55 -34.83 -13.31
N ASN A 83 -3.63 -35.42 -13.79
CA ASN A 83 -3.85 -36.86 -13.61
C ASN A 83 -4.59 -37.41 -14.82
N GLU A 84 -4.51 -38.72 -14.98
CA GLU A 84 -5.12 -39.43 -16.11
C GLU A 84 -5.69 -40.74 -15.60
N PHE A 85 -6.85 -41.13 -16.13
CA PHE A 85 -7.49 -42.36 -15.69
C PHE A 85 -8.42 -42.88 -16.77
N THR A 86 -8.75 -44.16 -16.65
CA THR A 86 -9.79 -44.81 -17.45
C THR A 86 -10.90 -45.27 -16.53
N VAL A 87 -12.15 -44.96 -16.91
CA VAL A 87 -13.29 -45.29 -16.08
C VAL A 87 -13.39 -46.80 -15.89
N GLY A 88 -13.61 -47.22 -14.65
CA GLY A 88 -13.72 -48.63 -14.31
C GLY A 88 -12.42 -49.35 -14.07
N GLU A 89 -11.29 -48.77 -14.43
CA GLU A 89 -9.98 -49.37 -14.22
C GLU A 89 -9.27 -48.68 -13.07
N GLU A 90 -8.56 -49.47 -12.27
CA GLU A 90 -7.80 -48.91 -11.16
C GLU A 90 -6.65 -48.05 -11.68
N CYS A 91 -6.57 -46.83 -11.18
CA CYS A 91 -5.54 -45.89 -11.60
CA CYS A 91 -5.58 -45.85 -11.61
C CYS A 91 -4.90 -45.25 -10.38
N GLU A 92 -3.79 -44.55 -10.60
CA GLU A 92 -3.04 -43.90 -9.54
C GLU A 92 -3.20 -42.39 -9.70
N LEU A 93 -3.86 -41.76 -8.73
CA LEU A 93 -4.14 -40.34 -8.76
C LEU A 93 -3.31 -39.61 -7.71
N GLU A 94 -2.80 -38.43 -8.08
CA GLU A 94 -2.07 -37.57 -7.15
C GLU A 94 -3.05 -36.66 -6.44
N THR A 95 -3.02 -36.69 -5.10
CA THR A 95 -3.94 -35.90 -4.30
C THR A 95 -3.41 -34.48 -4.13
N MET A 96 -4.16 -33.67 -3.37
CA MET A 96 -3.74 -32.29 -3.12
C MET A 96 -2.44 -32.24 -2.34
N THR A 97 -2.26 -33.14 -1.37
CA THR A 97 -1.07 -33.18 -0.54
C THR A 97 0.13 -33.80 -1.25
N GLY A 98 0.03 -34.03 -2.56
CA GLY A 98 1.09 -34.69 -3.31
C GLY A 98 1.12 -36.19 -3.18
N GLU A 99 0.44 -36.75 -2.18
CA GLU A 99 0.39 -38.20 -2.03
C GLU A 99 -0.36 -38.82 -3.20
N LYS A 100 0.15 -39.95 -3.69
CA LYS A 100 -0.45 -40.68 -4.79
C LYS A 100 -1.25 -41.85 -4.25
N VAL A 101 -2.53 -41.91 -4.61
CA VAL A 101 -3.42 -42.98 -4.17
C VAL A 101 -3.96 -43.71 -5.38
N LYS A 102 -4.31 -44.97 -5.18
CA LYS A 102 -4.88 -45.81 -6.23
C LYS A 102 -6.36 -46.01 -5.97
N THR A 103 -7.18 -45.76 -6.99
CA THR A 103 -8.63 -45.84 -6.86
C THR A 103 -9.23 -46.11 -8.23
N VAL A 104 -10.55 -46.26 -8.26
CA VAL A 104 -11.30 -46.52 -9.48
C VAL A 104 -12.35 -45.43 -9.64
N VAL A 105 -12.39 -44.82 -10.83
CA VAL A 105 -13.37 -43.80 -11.16
C VAL A 105 -14.50 -44.45 -11.94
N GLN A 106 -15.74 -44.13 -11.59
CA GLN A 106 -16.92 -44.74 -12.18
C GLN A 106 -17.84 -43.68 -12.74
N LEU A 107 -18.61 -44.05 -13.77
CA LEU A 107 -19.60 -43.19 -14.37
C LEU A 107 -20.97 -43.55 -13.81
N GLU A 108 -21.66 -42.55 -13.27
CA GLU A 108 -23.03 -42.71 -12.80
C GLU A 108 -23.95 -41.90 -13.70
N GLY A 109 -24.96 -42.55 -14.27
CA GLY A 109 -25.80 -41.86 -15.23
C GLY A 109 -24.99 -41.51 -16.47
N ASP A 110 -25.26 -40.31 -17.01
CA ASP A 110 -24.52 -39.80 -18.15
C ASP A 110 -23.74 -38.53 -17.83
N ASN A 111 -23.63 -38.15 -16.55
CA ASN A 111 -22.99 -36.88 -16.23
C ASN A 111 -22.31 -36.86 -14.86
N LYS A 112 -22.06 -38.01 -14.24
CA LYS A 112 -21.42 -38.06 -12.93
C LYS A 112 -20.18 -38.92 -12.99
N LEU A 113 -19.07 -38.39 -12.47
CA LEU A 113 -17.84 -39.15 -12.28
C LEU A 113 -17.59 -39.26 -10.78
N VAL A 114 -17.62 -40.49 -10.26
CA VAL A 114 -17.59 -40.73 -8.83
C VAL A 114 -16.39 -41.63 -8.49
N THR A 115 -15.71 -41.29 -7.40
CA THR A 115 -14.62 -42.10 -6.87
C THR A 115 -14.46 -41.79 -5.40
N THR A 116 -13.81 -42.71 -4.69
CA THR A 116 -13.60 -42.60 -3.25
C THR A 116 -12.18 -43.03 -2.91
N PHE A 117 -11.48 -42.19 -2.15
CA PHE A 117 -10.11 -42.47 -1.77
C PHE A 117 -9.80 -41.78 -0.44
N LYS A 118 -9.23 -42.54 0.49
CA LYS A 118 -8.85 -42.04 1.82
C LYS A 118 -10.03 -41.34 2.50
N ASN A 119 -11.16 -42.04 2.56
CA ASN A 119 -12.38 -41.58 3.22
C ASN A 119 -12.92 -40.29 2.60
N ILE A 120 -12.54 -39.99 1.37
CA ILE A 120 -13.00 -38.79 0.67
C ILE A 120 -13.89 -39.22 -0.47
N LYS A 121 -15.17 -38.85 -0.40
CA LYS A 121 -16.13 -39.14 -1.46
C LYS A 121 -16.12 -37.98 -2.45
N SER A 122 -15.57 -38.22 -3.64
CA SER A 122 -15.46 -37.19 -4.67
C SER A 122 -16.52 -37.43 -5.74
N VAL A 123 -17.29 -36.39 -6.04
CA VAL A 123 -18.35 -36.44 -7.04
C VAL A 123 -18.20 -35.24 -7.97
N THR A 124 -18.09 -35.51 -9.26
CA THR A 124 -17.97 -34.47 -10.29
C THR A 124 -19.16 -34.61 -11.23
N GLU A 125 -20.08 -33.66 -11.17
CA GLU A 125 -21.31 -33.69 -11.95
C GLU A 125 -21.30 -32.54 -12.97
N LEU A 126 -21.62 -32.86 -14.21
CA LEU A 126 -21.68 -31.88 -15.29
C LEU A 126 -23.14 -31.67 -15.68
N ASN A 127 -23.64 -30.47 -15.44
CA ASN A 127 -25.02 -30.10 -15.80
C ASN A 127 -24.93 -29.00 -16.85
N GLY A 128 -25.03 -29.40 -18.12
CA GLY A 128 -24.87 -28.47 -19.22
C GLY A 128 -23.46 -27.94 -19.32
N ASP A 129 -23.30 -26.62 -19.16
CA ASP A 129 -21.99 -26.00 -19.11
C ASP A 129 -21.47 -25.80 -17.70
N ILE A 130 -22.27 -26.14 -16.68
CA ILE A 130 -21.90 -25.97 -15.29
C ILE A 130 -21.42 -27.31 -14.75
N ILE A 131 -20.23 -27.32 -14.15
CA ILE A 131 -19.67 -28.52 -13.54
C ILE A 131 -19.56 -28.27 -12.04
N THR A 132 -19.95 -29.27 -11.24
CA THR A 132 -19.94 -29.19 -9.79
C THR A 132 -19.06 -30.31 -9.24
N ASN A 133 -18.06 -29.93 -8.46
CA ASN A 133 -17.14 -30.89 -7.84
C ASN A 133 -17.39 -30.86 -6.33
N THR A 134 -17.95 -31.94 -5.81
CA THR A 134 -18.26 -32.08 -4.39
C THR A 134 -17.35 -33.14 -3.78
N MET A 135 -16.64 -32.77 -2.72
CA MET A 135 -15.74 -33.68 -2.01
C MET A 135 -16.10 -33.69 -0.55
N THR A 136 -16.57 -34.84 -0.05
CA THR A 136 -17.01 -34.97 1.33
C THR A 136 -15.97 -35.74 2.12
N LEU A 137 -15.51 -35.15 3.22
CA LEU A 137 -14.58 -35.79 4.16
C LEU A 137 -15.16 -35.59 5.55
N GLY A 138 -15.93 -36.58 6.02
CA GLY A 138 -16.62 -36.44 7.28
C GLY A 138 -17.71 -35.41 7.23
N ASP A 139 -17.59 -34.36 8.05
CA ASP A 139 -18.56 -33.27 8.05
C ASP A 139 -18.25 -32.20 7.00
N ILE A 140 -17.03 -32.17 6.47
CA ILE A 140 -16.61 -31.12 5.55
C ILE A 140 -17.06 -31.47 4.14
N VAL A 141 -17.77 -30.54 3.50
CA VAL A 141 -18.25 -30.69 2.14
C VAL A 141 -17.55 -29.65 1.28
N PHE A 142 -16.46 -30.07 0.62
CA PHE A 142 -15.71 -29.18 -0.26
C PHE A 142 -16.42 -29.13 -1.62
N LYS A 143 -17.08 -28.01 -1.90
CA LYS A 143 -17.88 -27.85 -3.11
C LYS A 143 -17.26 -26.79 -4.01
N ARG A 144 -17.01 -27.17 -5.26
CA ARG A 144 -16.48 -26.28 -6.28
C ARG A 144 -17.43 -26.23 -7.47
N ILE A 145 -17.76 -25.04 -7.92
CA ILE A 145 -18.67 -24.85 -9.06
C ILE A 145 -17.93 -24.07 -10.14
N SER A 146 -17.80 -24.68 -11.32
CA SER A 146 -17.11 -24.07 -12.44
C SER A 146 -18.02 -24.08 -13.67
N LYS A 147 -17.75 -23.17 -14.60
CA LYS A 147 -18.50 -23.08 -15.85
C LYS A 147 -17.55 -23.31 -17.02
N ARG A 148 -17.98 -24.13 -17.96
CA ARG A 148 -17.20 -24.37 -19.17
C ARG A 148 -17.10 -23.10 -20.01
N ILE A 149 -15.89 -22.80 -20.48
CA ILE A 149 -15.66 -21.62 -21.30
C ILE A 149 -15.19 -22.03 -22.69
N GLY B 14 -10.13 -2.46 -26.34
CA GLY B 14 -10.12 -1.39 -25.37
C GLY B 14 -8.73 -0.95 -24.97
N THR B 15 -8.63 0.23 -24.37
CA THR B 15 -7.36 0.80 -23.91
C THR B 15 -7.48 1.19 -22.45
N GLU B 16 -6.32 1.34 -21.81
CA GLU B 16 -6.22 1.76 -20.43
C GLU B 16 -5.39 3.03 -20.33
N ASN B 17 -5.70 3.85 -19.33
CA ASN B 17 -5.03 5.13 -19.12
C ASN B 17 -4.11 5.05 -17.91
N LEU B 18 -2.85 5.40 -18.12
CA LEU B 18 -1.82 5.43 -17.08
C LEU B 18 -1.43 6.89 -16.85
N TYR B 19 -1.86 7.44 -15.71
CA TYR B 19 -1.68 8.86 -15.42
C TYR B 19 -0.48 9.06 -14.50
N PHE B 20 0.45 9.90 -14.93
CA PHE B 20 1.63 10.24 -14.13
C PHE B 20 1.75 11.76 -14.01
N GLN B 21 2.53 12.19 -13.02
CA GLN B 21 2.78 13.60 -12.78
C GLN B 21 4.23 13.79 -12.36
N SER B 22 4.91 14.76 -12.97
CA SER B 22 6.30 15.04 -12.66
C SER B 22 6.49 16.54 -12.45
N MET B 23 7.61 16.88 -11.80
CA MET B 23 8.04 18.27 -11.72
C MET B 23 8.41 18.79 -13.10
N SER B 24 8.20 20.09 -13.31
CA SER B 24 8.51 20.70 -14.59
C SER B 24 10.02 20.78 -14.79
N PHE B 25 10.52 20.06 -15.80
CA PHE B 25 11.94 20.09 -16.15
C PHE B 25 12.31 21.27 -17.03
N SER B 26 11.31 22.01 -17.54
CA SER B 26 11.59 23.12 -18.45
C SER B 26 12.43 24.20 -17.78
N GLY B 27 13.40 24.72 -18.52
CA GLY B 27 14.24 25.79 -18.03
C GLY B 27 15.62 25.71 -18.63
N LYS B 28 16.37 26.80 -18.43
CA LYS B 28 17.76 26.90 -18.84
C LYS B 28 18.65 26.69 -17.62
N TYR B 29 19.68 25.84 -17.77
CA TYR B 29 20.49 25.41 -16.65
C TYR B 29 21.95 25.74 -16.91
N GLN B 30 22.59 26.39 -15.93
CA GLN B 30 23.99 26.78 -16.02
C GLN B 30 24.85 25.71 -15.35
N LEU B 31 25.72 25.09 -16.14
CA LEU B 31 26.63 24.08 -15.59
C LEU B 31 27.55 24.69 -14.56
N GLN B 32 27.60 24.08 -13.38
CA GLN B 32 28.41 24.57 -12.27
C GLN B 32 29.48 23.59 -11.86
N SER B 33 29.15 22.32 -11.67
CA SER B 33 30.10 21.30 -11.26
C SER B 33 30.14 20.19 -12.30
N GLN B 34 31.32 19.59 -12.45
CA GLN B 34 31.51 18.55 -13.45
C GLN B 34 32.70 17.70 -13.02
N GLU B 35 32.49 16.38 -12.92
CA GLU B 35 33.50 15.45 -12.45
C GLU B 35 33.74 14.37 -13.50
N ASN B 36 35.02 14.01 -13.68
CA ASN B 36 35.43 12.92 -14.56
C ASN B 36 35.01 13.16 -16.00
N PHE B 37 35.11 14.43 -16.44
CA PHE B 37 34.84 14.74 -17.85
C PHE B 37 35.85 14.05 -18.75
N GLU B 38 37.14 14.25 -18.47
CA GLU B 38 38.20 13.66 -19.30
C GLU B 38 38.13 12.14 -19.31
N ALA B 39 37.96 11.55 -18.12
CA ALA B 39 37.88 10.09 -18.02
C ALA B 39 36.70 9.54 -18.82
N PHE B 40 35.53 10.17 -18.70
CA PHE B 40 34.35 9.68 -19.41
C PHE B 40 34.48 9.87 -20.91
N MET B 41 34.93 11.05 -21.34
CA MET B 41 35.08 11.31 -22.77
C MET B 41 36.14 10.44 -23.41
N LYS B 42 37.20 10.11 -22.67
CA LYS B 42 38.21 9.20 -23.19
C LYS B 42 37.64 7.79 -23.38
N ALA B 43 36.77 7.36 -22.47
CA ALA B 43 36.20 6.01 -22.56
C ALA B 43 35.28 5.87 -23.76
N ILE B 44 34.50 6.92 -24.08
CA ILE B 44 33.57 6.84 -25.22
C ILE B 44 34.23 7.14 -26.55
N GLY B 45 35.54 7.38 -26.57
CA GLY B 45 36.24 7.59 -27.82
C GLY B 45 36.18 8.99 -28.37
N LEU B 46 35.98 9.99 -27.52
CA LEU B 46 36.02 11.37 -27.99
C LEU B 46 37.47 11.75 -28.30
N PRO B 47 37.71 12.44 -29.42
CA PRO B 47 39.08 12.81 -29.76
C PRO B 47 39.74 13.62 -28.65
N GLU B 48 41.02 13.31 -28.38
CA GLU B 48 41.75 14.00 -27.32
C GLU B 48 41.79 15.50 -27.55
N GLU B 49 41.76 15.93 -28.82
CA GLU B 49 41.68 17.35 -29.12
C GLU B 49 40.43 17.97 -28.53
N LEU B 50 39.27 17.31 -28.74
CA LEU B 50 38.01 17.86 -28.24
C LEU B 50 37.90 17.71 -26.73
N ILE B 51 38.54 16.69 -26.14
CA ILE B 51 38.48 16.50 -24.70
C ILE B 51 39.13 17.67 -23.99
N GLN B 52 40.39 17.97 -24.32
CA GLN B 52 41.08 19.09 -23.72
C GLN B 52 40.47 20.42 -24.12
N LYS B 53 39.85 20.50 -25.30
CA LYS B 53 39.29 21.76 -25.78
C LYS B 53 38.07 22.17 -24.97
N GLY B 54 37.24 21.21 -24.57
CA GLY B 54 36.00 21.49 -23.88
C GLY B 54 35.91 21.06 -22.44
N LYS B 55 37.01 20.61 -21.83
CA LYS B 55 36.94 20.09 -20.47
C LYS B 55 36.59 21.18 -19.46
N ASP B 56 36.93 22.44 -19.76
CA ASP B 56 36.71 23.54 -18.83
C ASP B 56 35.53 24.42 -19.21
N ILE B 57 34.86 24.12 -20.32
CA ILE B 57 33.70 24.90 -20.73
C ILE B 57 32.51 24.52 -19.85
N LYS B 58 31.93 25.52 -19.20
CA LYS B 58 30.73 25.35 -18.37
C LYS B 58 29.64 26.21 -18.99
N GLY B 59 28.93 25.65 -19.98
CA GLY B 59 27.94 26.37 -20.73
C GLY B 59 26.55 26.23 -20.13
N VAL B 60 25.56 26.63 -20.93
CA VAL B 60 24.16 26.63 -20.52
C VAL B 60 23.40 25.65 -21.41
N SER B 61 22.67 24.75 -20.78
CA SER B 61 21.78 23.83 -21.47
C SER B 61 20.33 24.21 -21.19
N GLU B 62 19.45 23.83 -22.12
CA GLU B 62 18.04 24.17 -22.02
C GLU B 62 17.18 22.93 -22.20
N ILE B 63 16.13 22.81 -21.39
CA ILE B 63 15.14 21.76 -21.51
C ILE B 63 13.79 22.40 -21.75
N VAL B 64 13.02 21.83 -22.68
CA VAL B 64 11.66 22.27 -22.97
C VAL B 64 10.75 21.06 -22.82
N GLN B 65 9.98 21.03 -21.73
CA GLN B 65 9.09 19.92 -21.44
C GLN B 65 7.64 20.33 -21.66
N ASN B 66 6.93 19.54 -22.44
CA ASN B 66 5.50 19.73 -22.70
CA ASN B 66 5.50 19.73 -22.70
C ASN B 66 4.82 18.40 -22.41
N GLY B 67 4.40 18.20 -21.17
CA GLY B 67 3.79 16.95 -20.78
C GLY B 67 4.82 15.83 -20.70
N LYS B 68 4.62 14.78 -21.51
CA LYS B 68 5.57 13.68 -21.61
C LYS B 68 6.52 13.85 -22.78
N HIS B 69 6.61 15.06 -23.34
CA HIS B 69 7.49 15.34 -24.46
CA HIS B 69 7.48 15.35 -24.46
C HIS B 69 8.60 16.28 -24.01
N PHE B 70 9.83 15.97 -24.42
CA PHE B 70 11.01 16.72 -24.02
C PHE B 70 11.80 17.15 -25.24
N LYS B 71 12.39 18.34 -25.16
CA LYS B 71 13.37 18.82 -26.13
C LYS B 71 14.63 19.23 -25.38
N PHE B 72 15.77 18.70 -25.80
CA PHE B 72 17.04 18.91 -25.13
C PHE B 72 17.97 19.70 -26.03
N THR B 73 18.63 20.70 -25.45
CA THR B 73 19.77 21.39 -26.09
C THR B 73 20.87 21.44 -25.04
N ILE B 74 21.88 20.58 -25.20
CA ILE B 74 22.90 20.36 -24.18
C ILE B 74 24.21 20.96 -24.66
N THR B 75 24.86 21.71 -23.78
CA THR B 75 26.20 22.23 -24.03
C THR B 75 27.18 21.29 -23.33
N ALA B 76 27.85 20.45 -24.12
CA ALA B 76 28.80 19.47 -23.60
C ALA B 76 30.16 19.76 -24.22
N GLY B 77 31.09 20.20 -23.39
CA GLY B 77 32.41 20.56 -23.90
C GLY B 77 32.31 21.69 -24.90
N SER B 78 32.83 21.46 -26.10
CA SER B 78 32.75 22.42 -27.19
C SER B 78 31.64 22.09 -28.18
N LYS B 79 30.74 21.19 -27.81
CA LYS B 79 29.67 20.73 -28.69
C LYS B 79 28.32 21.10 -28.12
N VAL B 80 27.38 21.41 -29.01
CA VAL B 80 25.98 21.64 -28.67
C VAL B 80 25.19 20.48 -29.26
N ILE B 81 24.63 19.64 -28.41
CA ILE B 81 23.90 18.46 -28.83
C ILE B 81 22.42 18.69 -28.56
N GLN B 82 21.60 18.52 -29.60
CA GLN B 82 20.17 18.72 -29.51
C GLN B 82 19.46 17.38 -29.65
N ASN B 83 18.47 17.15 -28.79
CA ASN B 83 17.74 15.89 -28.81
C ASN B 83 16.29 16.15 -28.43
N GLU B 84 15.42 15.23 -28.84
CA GLU B 84 14.00 15.31 -28.58
C GLU B 84 13.47 13.90 -28.36
N PHE B 85 12.58 13.74 -27.40
CA PHE B 85 12.04 12.41 -27.11
C PHE B 85 10.72 12.53 -26.38
N THR B 86 9.97 11.43 -26.41
CA THR B 86 8.76 11.27 -25.61
C THR B 86 8.99 10.13 -24.62
N VAL B 87 8.64 10.37 -23.36
CA VAL B 87 8.86 9.38 -22.32
C VAL B 87 8.09 8.10 -22.62
N GLY B 88 8.75 6.97 -22.45
CA GLY B 88 8.15 5.67 -22.70
C GLY B 88 8.19 5.19 -24.14
N GLU B 89 8.55 6.06 -25.08
CA GLU B 89 8.64 5.66 -26.49
C GLU B 89 10.10 5.54 -26.89
N GLU B 90 10.39 4.52 -27.70
CA GLU B 90 11.75 4.30 -28.19
C GLU B 90 12.13 5.42 -29.15
N CYS B 91 13.07 6.26 -28.72
N CYS B 91 13.09 6.26 -28.73
CA CYS B 91 13.58 7.36 -29.53
CA CYS B 91 13.57 7.37 -29.54
C CYS B 91 15.00 7.03 -29.99
C CYS B 91 15.07 7.23 -29.78
N GLU B 92 15.54 7.90 -30.83
CA GLU B 92 16.92 7.80 -31.29
C GLU B 92 17.65 9.07 -30.91
N LEU B 93 18.65 8.93 -30.02
CA LEU B 93 19.39 10.06 -29.48
C LEU B 93 20.81 10.09 -30.04
N GLU B 94 21.30 11.30 -30.33
CA GLU B 94 22.68 11.50 -30.76
C GLU B 94 23.59 11.65 -29.55
N THR B 95 24.63 10.82 -29.48
CA THR B 95 25.54 10.81 -28.36
C THR B 95 26.59 11.91 -28.52
N MET B 96 27.53 11.95 -27.56
CA MET B 96 28.60 12.95 -27.63
C MET B 96 29.48 12.73 -28.86
N THR B 97 29.75 11.47 -29.20
CA THR B 97 30.58 11.13 -30.34
C THR B 97 29.84 11.25 -31.68
N GLY B 98 28.64 11.81 -31.69
CA GLY B 98 27.85 11.89 -32.90
C GLY B 98 27.13 10.62 -33.29
N GLU B 99 27.49 9.49 -32.69
CA GLU B 99 26.81 8.23 -32.99
C GLU B 99 25.36 8.28 -32.54
N LYS B 100 24.49 7.68 -33.35
CA LYS B 100 23.06 7.65 -33.06
C LYS B 100 22.70 6.30 -32.44
N VAL B 101 22.09 6.34 -31.26
CA VAL B 101 21.65 5.14 -30.57
C VAL B 101 20.14 5.26 -30.33
N LYS B 102 19.48 4.11 -30.28
CA LYS B 102 18.04 4.05 -30.03
C LYS B 102 17.80 3.48 -28.64
N THR B 103 16.99 4.19 -27.85
CA THR B 103 16.73 3.79 -26.47
C THR B 103 15.39 4.36 -26.03
N VAL B 104 15.00 4.05 -24.81
CA VAL B 104 13.74 4.51 -24.22
C VAL B 104 14.07 5.26 -22.94
N VAL B 105 13.52 6.47 -22.82
CA VAL B 105 13.68 7.27 -21.61
C VAL B 105 12.44 7.08 -20.74
N GLN B 106 12.64 6.86 -19.45
CA GLN B 106 11.57 6.55 -18.53
C GLN B 106 11.59 7.54 -17.37
N LEU B 107 10.43 7.76 -16.77
CA LEU B 107 10.29 8.63 -15.61
C LEU B 107 10.29 7.78 -14.34
N GLU B 108 11.19 8.10 -13.42
CA GLU B 108 11.25 7.47 -12.11
C GLU B 108 10.89 8.51 -11.06
N GLY B 109 9.89 8.20 -10.24
CA GLY B 109 9.40 9.20 -9.30
C GLY B 109 8.77 10.36 -10.04
N ASP B 110 9.00 11.57 -9.52
CA ASP B 110 8.52 12.78 -10.15
C ASP B 110 9.63 13.72 -10.60
N ASN B 111 10.90 13.26 -10.57
CA ASN B 111 12.00 14.17 -10.86
C ASN B 111 13.22 13.48 -11.46
N LYS B 112 13.11 12.25 -11.93
CA LYS B 112 14.23 11.51 -12.52
C LYS B 112 13.89 11.06 -13.92
N LEU B 113 14.79 11.32 -14.87
CA LEU B 113 14.71 10.79 -16.22
C LEU B 113 15.86 9.81 -16.40
N VAL B 114 15.54 8.54 -16.60
CA VAL B 114 16.52 7.47 -16.61
C VAL B 114 16.47 6.73 -17.93
N THR B 115 17.64 6.42 -18.47
CA THR B 115 17.76 5.62 -19.69
C THR B 115 19.14 4.97 -19.71
N THR B 116 19.26 3.93 -20.53
CA THR B 116 20.50 3.17 -20.63
C THR B 116 20.78 2.86 -22.08
N PHE B 117 21.99 3.17 -22.53
CA PHE B 117 22.38 2.95 -23.92
C PHE B 117 23.89 2.74 -23.98
N LYS B 118 24.32 1.69 -24.68
CA LYS B 118 25.72 1.35 -24.85
C LYS B 118 26.45 1.28 -23.51
N ASN B 119 25.87 0.51 -22.59
CA ASN B 119 26.44 0.26 -21.26
C ASN B 119 26.61 1.54 -20.45
N ILE B 120 25.89 2.60 -20.81
CA ILE B 120 25.96 3.88 -20.10
C ILE B 120 24.62 4.10 -19.41
N LYS B 121 24.64 4.11 -18.08
CA LYS B 121 23.43 4.36 -17.29
C LYS B 121 23.33 5.87 -17.04
N SER B 122 22.36 6.51 -17.68
CA SER B 122 22.17 7.95 -17.57
C SER B 122 20.98 8.25 -16.67
N VAL B 123 21.19 9.10 -15.67
CA VAL B 123 20.16 9.49 -14.72
C VAL B 123 20.19 11.00 -14.59
N THR B 124 19.04 11.64 -14.82
CA THR B 124 18.90 13.09 -14.73
C THR B 124 17.86 13.39 -13.65
N GLU B 125 18.32 13.93 -12.53
CA GLU B 125 17.48 14.21 -11.37
C GLU B 125 17.36 15.71 -11.15
N LEU B 126 16.14 16.19 -10.96
CA LEU B 126 15.87 17.61 -10.73
C LEU B 126 15.45 17.80 -9.27
N ASN B 127 16.28 18.50 -8.51
CA ASN B 127 16.01 18.80 -7.10
C ASN B 127 15.84 20.31 -6.97
N GLY B 128 14.59 20.78 -7.00
CA GLY B 128 14.32 22.20 -6.95
C GLY B 128 14.82 22.91 -8.19
N ASP B 129 15.77 23.82 -8.00
CA ASP B 129 16.43 24.49 -9.12
C ASP B 129 17.73 23.82 -9.52
N ILE B 130 18.15 22.78 -8.80
CA ILE B 130 19.39 22.06 -9.08
C ILE B 130 19.06 20.78 -9.82
N ILE B 131 19.70 20.58 -10.97
CA ILE B 131 19.54 19.37 -11.76
C ILE B 131 20.89 18.64 -11.79
N THR B 132 20.86 17.33 -11.60
CA THR B 132 22.07 16.52 -11.56
C THR B 132 21.95 15.43 -12.62
N ASN B 133 22.92 15.40 -13.54
CA ASN B 133 22.96 14.39 -14.59
C ASN B 133 24.16 13.48 -14.34
N THR B 134 23.89 12.23 -13.98
CA THR B 134 24.91 11.24 -13.70
C THR B 134 24.88 10.17 -14.79
N MET B 135 26.03 9.95 -15.42
CA MET B 135 26.16 8.94 -16.47
C MET B 135 27.30 8.00 -16.09
N THR B 136 26.97 6.75 -15.81
CA THR B 136 27.94 5.76 -15.35
C THR B 136 28.29 4.80 -16.47
N LEU B 137 29.59 4.64 -16.72
CA LEU B 137 30.11 3.69 -17.70
C LEU B 137 31.20 2.88 -16.98
N GLY B 138 30.82 1.73 -16.44
CA GLY B 138 31.72 0.93 -15.65
C GLY B 138 32.08 1.60 -14.33
N ASP B 139 33.36 1.91 -14.14
CA ASP B 139 33.82 2.60 -12.95
C ASP B 139 33.71 4.12 -13.06
N ILE B 140 33.53 4.65 -14.27
CA ILE B 140 33.52 6.08 -14.50
C ILE B 140 32.15 6.65 -14.18
N VAL B 141 32.10 7.65 -13.31
CA VAL B 141 30.87 8.31 -12.91
C VAL B 141 30.95 9.75 -13.40
N PHE B 142 30.36 10.02 -14.57
CA PHE B 142 30.33 11.36 -15.13
C PHE B 142 29.18 12.13 -14.47
N LYS B 143 29.53 13.05 -13.58
CA LYS B 143 28.55 13.79 -12.80
C LYS B 143 28.57 15.25 -13.20
N ARG B 144 27.40 15.78 -13.58
CA ARG B 144 27.23 17.19 -13.92
C ARG B 144 26.15 17.78 -13.03
N ILE B 145 26.44 18.93 -12.43
CA ILE B 145 25.50 19.63 -11.56
C ILE B 145 25.27 21.02 -12.14
N SER B 146 24.01 21.33 -12.46
CA SER B 146 23.64 22.60 -13.06
C SER B 146 22.56 23.27 -12.22
N LYS B 147 22.48 24.60 -12.36
CA LYS B 147 21.51 25.43 -11.66
C LYS B 147 20.60 26.12 -12.66
N ARG B 148 19.30 26.08 -12.39
CA ARG B 148 18.34 26.80 -13.23
C ARG B 148 18.55 28.30 -13.11
N ILE B 149 18.54 28.98 -14.25
CA ILE B 149 18.73 30.44 -14.28
C ILE B 149 17.47 31.12 -14.79
N GLY C 14 -18.25 53.83 -27.52
CA GLY C 14 -17.93 52.76 -28.44
C GLY C 14 -17.62 51.45 -27.76
N THR C 15 -17.66 50.36 -28.52
CA THR C 15 -17.37 49.03 -28.00
C THR C 15 -16.31 48.35 -28.85
N GLU C 16 -15.66 47.35 -28.26
CA GLU C 16 -14.63 46.55 -28.91
C GLU C 16 -15.02 45.08 -28.86
N ASN C 17 -14.54 44.29 -29.83
CA ASN C 17 -14.83 42.87 -29.89
C ASN C 17 -13.60 42.09 -29.49
N LEU C 18 -13.74 41.24 -28.46
CA LEU C 18 -12.67 40.35 -27.99
C LEU C 18 -13.12 38.91 -28.24
N TYR C 19 -12.55 38.29 -29.27
CA TYR C 19 -12.92 36.93 -29.66
C TYR C 19 -11.83 35.96 -29.21
N PHE C 20 -12.25 34.90 -28.52
CA PHE C 20 -11.36 33.86 -28.03
C PHE C 20 -11.80 32.51 -28.59
N GLN C 21 -10.89 31.53 -28.53
CA GLN C 21 -11.20 30.18 -29.00
C GLN C 21 -10.59 29.17 -28.05
N SER C 22 -11.39 28.17 -27.67
CA SER C 22 -10.95 27.12 -26.76
C SER C 22 -11.35 25.76 -27.31
N MET C 23 -10.72 24.72 -26.78
CA MET C 23 -11.13 23.35 -27.06
C MET C 23 -12.53 23.10 -26.51
N SER C 24 -13.27 22.24 -27.18
CA SER C 24 -14.63 21.91 -26.76
C SER C 24 -14.57 21.08 -25.47
N PHE C 25 -15.08 21.65 -24.37
CA PHE C 25 -15.16 20.96 -23.09
C PHE C 25 -16.38 20.05 -22.98
N SER C 26 -17.31 20.12 -23.94
CA SER C 26 -18.54 19.35 -23.86
C SER C 26 -18.26 17.85 -23.87
N GLY C 27 -18.97 17.13 -23.03
CA GLY C 27 -18.85 15.68 -22.97
C GLY C 27 -19.11 15.17 -21.58
N LYS C 28 -19.27 13.85 -21.48
CA LYS C 28 -19.41 13.17 -20.21
C LYS C 28 -18.08 12.51 -19.85
N TYR C 29 -17.65 12.68 -18.60
CA TYR C 29 -16.32 12.29 -18.18
C TYR C 29 -16.42 11.32 -17.00
N GLN C 30 -15.73 10.18 -17.11
CA GLN C 30 -15.73 9.16 -16.08
C GLN C 30 -14.52 9.36 -15.16
N LEU C 31 -14.78 9.61 -13.88
CA LEU C 31 -13.70 9.79 -12.91
C LEU C 31 -12.88 8.52 -12.78
N GLN C 32 -11.56 8.66 -12.90
CA GLN C 32 -10.65 7.52 -12.82
C GLN C 32 -9.70 7.64 -11.64
N SER C 33 -9.06 8.79 -11.44
CA SER C 33 -8.10 8.98 -10.36
C SER C 33 -8.56 10.12 -9.46
N GLN C 34 -8.25 10.00 -8.18
CA GLN C 34 -8.68 10.98 -7.19
C GLN C 34 -7.73 10.91 -5.99
N GLU C 35 -7.16 12.05 -5.63
CA GLU C 35 -6.21 12.14 -4.53
C GLU C 35 -6.68 13.14 -3.49
N ASN C 36 -6.49 12.80 -2.22
CA ASN C 36 -6.79 13.71 -1.09
C ASN C 36 -8.27 14.08 -1.04
N PHE C 37 -9.13 13.12 -1.33
CA PHE C 37 -10.58 13.35 -1.19
C PHE C 37 -10.94 13.65 0.26
N GLU C 38 -10.57 12.75 1.17
CA GLU C 38 -10.94 12.91 2.57
C GLU C 38 -10.33 14.18 3.17
N ALA C 39 -9.06 14.44 2.88
CA ALA C 39 -8.41 15.64 3.42
C ALA C 39 -9.12 16.90 2.94
N PHE C 40 -9.46 16.97 1.65
CA PHE C 40 -10.13 18.15 1.12
C PHE C 40 -11.53 18.30 1.70
N MET C 41 -12.29 17.20 1.74
CA MET C 41 -13.66 17.27 2.24
C MET C 41 -13.69 17.61 3.73
N LYS C 42 -12.72 17.12 4.50
CA LYS C 42 -12.63 17.51 5.90
C LYS C 42 -12.27 18.99 6.03
N ALA C 43 -11.39 19.48 5.16
CA ALA C 43 -10.96 20.87 5.25
C ALA C 43 -12.10 21.83 4.92
N ILE C 44 -12.95 21.48 3.96
CA ILE C 44 -14.07 22.34 3.59
C ILE C 44 -15.28 22.15 4.49
N GLY C 45 -15.19 21.28 5.50
CA GLY C 45 -16.28 21.11 6.43
C GLY C 45 -17.38 20.17 5.99
N LEU C 46 -17.07 19.23 5.12
CA LEU C 46 -18.07 18.24 4.73
C LEU C 46 -18.29 17.27 5.88
N PRO C 47 -19.54 16.92 6.20
CA PRO C 47 -19.80 15.98 7.28
C PRO C 47 -19.09 14.65 7.05
N GLU C 48 -18.52 14.10 8.13
CA GLU C 48 -17.79 12.83 8.04
C GLU C 48 -18.66 11.71 7.50
N GLU C 49 -19.98 11.79 7.72
CA GLU C 49 -20.90 10.82 7.17
C GLU C 49 -20.82 10.79 5.64
N LEU C 50 -20.88 11.96 5.01
CA LEU C 50 -20.84 12.01 3.55
C LEU C 50 -19.44 11.75 3.01
N ILE C 51 -18.40 12.06 3.78
CA ILE C 51 -17.04 11.84 3.33
C ILE C 51 -16.77 10.36 3.10
N GLN C 52 -17.02 9.55 4.13
CA GLN C 52 -16.83 8.11 4.01
C GLN C 52 -17.82 7.50 3.02
N LYS C 53 -18.99 8.11 2.87
CA LYS C 53 -20.02 7.54 2.01
C LYS C 53 -19.65 7.64 0.54
N GLY C 54 -19.01 8.73 0.13
CA GLY C 54 -18.71 8.99 -1.26
C GLY C 54 -17.25 8.99 -1.66
N LYS C 55 -16.34 8.59 -0.77
CA LYS C 55 -14.91 8.67 -1.08
C LYS C 55 -14.50 7.72 -2.19
N ASP C 56 -15.22 6.62 -2.37
CA ASP C 56 -14.86 5.62 -3.36
C ASP C 56 -15.76 5.64 -4.60
N ILE C 57 -16.74 6.53 -4.64
CA ILE C 57 -17.61 6.62 -5.81
C ILE C 57 -16.86 7.31 -6.95
N LYS C 58 -16.80 6.64 -8.10
CA LYS C 58 -16.19 7.18 -9.31
C LYS C 58 -17.28 7.28 -10.36
N GLY C 59 -18.03 8.38 -10.33
CA GLY C 59 -19.17 8.58 -11.20
C GLY C 59 -18.80 9.30 -12.49
N VAL C 60 -19.82 9.73 -13.20
CA VAL C 60 -19.68 10.41 -14.48
C VAL C 60 -20.20 11.83 -14.34
N SER C 61 -19.39 12.80 -14.75
CA SER C 61 -19.78 14.20 -14.81
C SER C 61 -19.93 14.63 -16.26
N GLU C 62 -20.74 15.65 -16.50
CA GLU C 62 -21.04 16.12 -17.84
C GLU C 62 -20.82 17.62 -17.92
N ILE C 63 -20.23 18.06 -19.04
CA ILE C 63 -20.06 19.47 -19.35
C ILE C 63 -20.79 19.77 -20.66
N VAL C 64 -21.49 20.89 -20.71
CA VAL C 64 -22.17 21.36 -21.91
C VAL C 64 -21.67 22.77 -22.19
N GLN C 65 -20.82 22.90 -23.22
CA GLN C 65 -20.21 24.16 -23.57
C GLN C 65 -20.83 24.72 -24.84
N ASN C 66 -21.42 25.90 -24.74
CA ASN C 66 -21.99 26.61 -25.89
CA ASN C 66 -21.99 26.61 -25.89
C ASN C 66 -21.34 27.99 -25.95
N GLY C 67 -20.12 28.04 -26.48
CA GLY C 67 -19.39 29.28 -26.54
C GLY C 67 -18.73 29.63 -25.22
N LYS C 68 -19.13 30.75 -24.64
CA LYS C 68 -18.65 31.17 -23.32
C LYS C 68 -19.58 30.75 -22.20
N HIS C 69 -20.71 30.13 -22.51
CA HIS C 69 -21.68 29.68 -21.53
C HIS C 69 -21.48 28.20 -21.27
N PHE C 70 -21.34 27.83 -20.00
CA PHE C 70 -21.12 26.45 -19.61
C PHE C 70 -22.25 25.96 -18.71
N LYS C 71 -22.65 24.71 -18.92
CA LYS C 71 -23.56 24.00 -18.02
C LYS C 71 -22.90 22.67 -17.68
N PHE C 72 -22.47 22.51 -16.42
CA PHE C 72 -21.74 21.31 -16.03
C PHE C 72 -22.40 20.66 -14.81
N THR C 73 -22.47 19.33 -14.86
CA THR C 73 -23.13 18.51 -13.85
C THR C 73 -22.08 17.59 -13.24
N ILE C 74 -21.71 17.86 -11.99
CA ILE C 74 -20.59 17.20 -11.34
C ILE C 74 -21.10 16.21 -10.31
N THR C 75 -20.60 14.98 -10.38
CA THR C 75 -20.86 13.94 -9.39
C THR C 75 -19.68 13.92 -8.42
N ALA C 76 -19.89 14.45 -7.22
CA ALA C 76 -18.85 14.53 -6.20
C ALA C 76 -19.32 13.74 -4.98
N GLY C 77 -18.64 12.64 -4.70
CA GLY C 77 -19.06 11.77 -3.62
C GLY C 77 -20.44 11.21 -3.89
N SER C 78 -21.36 11.45 -2.97
CA SER C 78 -22.75 11.02 -3.11
C SER C 78 -23.67 12.14 -3.56
N LYS C 79 -23.11 13.25 -4.03
CA LYS C 79 -23.89 14.42 -4.42
C LYS C 79 -23.71 14.70 -5.91
N VAL C 80 -24.79 15.15 -6.55
CA VAL C 80 -24.77 15.63 -7.92
C VAL C 80 -25.06 17.12 -7.89
N ILE C 81 -24.07 17.94 -8.22
CA ILE C 81 -24.17 19.38 -8.16
C ILE C 81 -24.19 19.94 -9.58
N GLN C 82 -25.19 20.76 -9.88
CA GLN C 82 -25.35 21.38 -11.18
C GLN C 82 -25.11 22.88 -11.07
N ASN C 83 -24.37 23.42 -12.05
CA ASN C 83 -24.04 24.83 -12.04
C ASN C 83 -23.98 25.35 -13.47
N GLU C 84 -24.09 26.66 -13.61
CA GLU C 84 -24.09 27.34 -14.90
C GLU C 84 -23.32 28.64 -14.76
N PHE C 85 -22.52 28.97 -15.78
CA PHE C 85 -21.76 30.22 -15.72
C PHE C 85 -21.39 30.67 -17.12
N THR C 86 -21.06 31.95 -17.22
CA THR C 86 -20.48 32.54 -18.42
C THR C 86 -19.09 33.04 -18.08
N VAL C 87 -18.12 32.71 -18.95
CA VAL C 87 -16.73 33.10 -18.69
C VAL C 87 -16.62 34.61 -18.62
N GLY C 88 -15.89 35.10 -17.62
CA GLY C 88 -15.70 36.52 -17.41
C GLY C 88 -16.82 37.23 -16.67
N GLU C 89 -17.97 36.59 -16.48
CA GLU C 89 -19.09 37.18 -15.76
C GLU C 89 -19.21 36.54 -14.37
N GLU C 90 -19.55 37.36 -13.38
CA GLU C 90 -19.74 36.84 -12.04
C GLU C 90 -20.96 35.94 -11.98
N CYS C 91 -20.82 34.79 -11.33
CA CYS C 91 -21.86 33.79 -11.26
CA CYS C 91 -21.90 33.82 -11.24
C CYS C 91 -21.92 33.22 -9.85
N GLU C 92 -23.08 32.67 -9.49
CA GLU C 92 -23.29 32.03 -8.20
C GLU C 92 -23.19 30.52 -8.37
N LEU C 93 -22.17 29.92 -7.75
CA LEU C 93 -21.90 28.51 -7.87
C LEU C 93 -22.22 27.80 -6.56
N GLU C 94 -22.83 26.62 -6.66
CA GLU C 94 -23.11 25.79 -5.50
C GLU C 94 -21.90 24.92 -5.21
N THR C 95 -21.36 25.03 -4.00
CA THR C 95 -20.17 24.28 -3.63
C THR C 95 -20.55 22.89 -3.13
N MET C 96 -19.53 22.13 -2.70
CA MET C 96 -19.78 20.79 -2.19
C MET C 96 -20.61 20.82 -0.92
N THR C 97 -20.35 21.80 -0.04
CA THR C 97 -21.07 21.92 1.22
C THR C 97 -22.47 22.52 1.06
N GLY C 98 -22.96 22.69 -0.17
CA GLY C 98 -24.22 23.34 -0.41
C GLY C 98 -24.18 24.85 -0.33
N GLU C 99 -23.11 25.42 0.23
CA GLU C 99 -22.97 26.86 0.29
C GLU C 99 -22.83 27.45 -1.10
N LYS C 100 -23.47 28.60 -1.32
CA LYS C 100 -23.43 29.29 -2.60
C LYS C 100 -22.42 30.43 -2.51
N VAL C 101 -21.45 30.43 -3.42
CA VAL C 101 -20.43 31.48 -3.48
C VAL C 101 -20.50 32.13 -4.86
N LYS C 102 -20.11 33.39 -4.92
CA LYS C 102 -20.09 34.16 -6.15
C LYS C 102 -18.64 34.35 -6.60
N THR C 103 -18.36 34.02 -7.85
CA THR C 103 -17.00 34.09 -8.37
C THR C 103 -17.07 34.24 -9.89
N VAL C 104 -15.90 34.38 -10.51
CA VAL C 104 -15.77 34.54 -11.95
C VAL C 104 -14.86 33.44 -12.46
N VAL C 105 -15.31 32.73 -13.50
CA VAL C 105 -14.53 31.70 -14.15
C VAL C 105 -13.88 32.29 -15.39
N GLN C 106 -12.58 32.02 -15.57
CA GLN C 106 -11.82 32.60 -16.66
C GLN C 106 -11.16 31.48 -17.48
N LEU C 107 -10.93 31.77 -18.76
CA LEU C 107 -10.26 30.85 -19.67
C LEU C 107 -8.79 31.26 -19.79
N GLU C 108 -7.89 30.32 -19.53
CA GLU C 108 -6.47 30.52 -19.72
C GLU C 108 -5.99 29.62 -20.86
N GLY C 109 -5.35 30.23 -21.86
CA GLY C 109 -4.98 29.47 -23.05
C GLY C 109 -6.21 29.00 -23.78
N ASP C 110 -6.16 27.76 -24.30
CA ASP C 110 -7.30 27.16 -24.99
C ASP C 110 -7.82 25.92 -24.28
N ASN C 111 -7.36 25.63 -23.05
CA ASN C 111 -7.75 24.39 -22.40
C ASN C 111 -7.78 24.48 -20.88
N LYS C 112 -7.76 25.67 -20.29
CA LYS C 112 -7.75 25.82 -18.84
C LYS C 112 -8.92 26.71 -18.41
N LEU C 113 -9.69 26.22 -17.44
CA LEU C 113 -10.73 27.01 -16.77
C LEU C 113 -10.30 27.23 -15.33
N VAL C 114 -10.07 28.48 -14.96
CA VAL C 114 -9.49 28.84 -13.68
C VAL C 114 -10.44 29.74 -12.92
N THR C 115 -10.58 29.49 -11.61
CA THR C 115 -11.35 30.33 -10.72
C THR C 115 -10.85 30.13 -9.31
N THR C 116 -11.15 31.10 -8.44
CA THR C 116 -10.71 31.07 -7.06
C THR C 116 -11.85 31.55 -6.16
N PHE C 117 -12.17 30.77 -5.13
CA PHE C 117 -13.24 31.11 -4.21
C PHE C 117 -12.96 30.47 -2.86
N LYS C 118 -13.05 31.28 -1.80
CA LYS C 118 -12.82 30.82 -0.43
C LYS C 118 -11.49 30.09 -0.29
N ASN C 119 -10.43 30.74 -0.76
CA ASN C 119 -9.06 30.23 -0.67
C ASN C 119 -8.87 28.91 -1.40
N ILE C 120 -9.74 28.59 -2.36
CA ILE C 120 -9.66 27.35 -3.12
C ILE C 120 -9.31 27.70 -4.56
N LYS C 121 -8.13 27.27 -5.00
CA LYS C 121 -7.69 27.47 -6.38
C LYS C 121 -8.15 26.28 -7.21
N SER C 122 -9.13 26.52 -8.09
CA SER C 122 -9.69 25.48 -8.94
C SER C 122 -9.16 25.61 -10.35
N VAL C 123 -8.63 24.52 -10.89
CA VAL C 123 -8.07 24.49 -12.25
C VAL C 123 -8.63 23.26 -12.95
N THR C 124 -9.26 23.48 -14.11
CA THR C 124 -9.82 22.41 -14.92
C THR C 124 -9.13 22.44 -16.28
N GLU C 125 -8.30 21.44 -16.54
CA GLU C 125 -7.51 21.35 -17.76
C GLU C 125 -7.98 20.18 -18.62
N LEU C 126 -8.15 20.43 -19.91
CA LEU C 126 -8.60 19.41 -20.86
C LEU C 126 -7.42 19.01 -21.74
N ASN C 127 -6.98 17.76 -21.61
CA ASN C 127 -5.89 17.21 -22.41
C ASN C 127 -6.45 16.08 -23.25
N GLY C 128 -6.81 16.38 -24.50
CA GLY C 128 -7.43 15.40 -25.36
C GLY C 128 -8.79 14.95 -24.86
N ASP C 129 -8.92 13.68 -24.52
CA ASP C 129 -10.12 13.14 -23.89
C ASP C 129 -10.01 13.09 -22.38
N ILE C 130 -8.86 13.47 -21.82
CA ILE C 130 -8.62 13.44 -20.39
C ILE C 130 -8.79 14.85 -19.84
N ILE C 131 -9.61 14.99 -18.80
CA ILE C 131 -9.82 16.25 -18.11
C ILE C 131 -9.31 16.12 -16.69
N THR C 132 -8.59 17.13 -16.23
CA THR C 132 -7.99 17.13 -14.90
C THR C 132 -8.50 18.32 -14.12
N ASN C 133 -9.12 18.05 -12.96
CA ASN C 133 -9.63 19.09 -12.07
C ASN C 133 -8.80 19.09 -10.79
N THR C 134 -8.03 20.16 -10.60
CA THR C 134 -7.18 20.31 -9.43
C THR C 134 -7.73 21.43 -8.56
N MET C 135 -7.95 21.12 -7.28
CA MET C 135 -8.46 22.09 -6.31
C MET C 135 -7.50 22.13 -5.13
N THR C 136 -6.83 23.26 -4.95
CA THR C 136 -5.82 23.42 -3.92
C THR C 136 -6.35 24.26 -2.77
N LEU C 137 -6.26 23.71 -1.55
CA LEU C 137 -6.65 24.42 -0.33
C LEU C 137 -5.49 24.25 0.66
N GLY C 138 -4.59 25.23 0.68
CA GLY C 138 -3.41 25.14 1.51
C GLY C 138 -2.44 24.08 1.03
N ASP C 139 -2.19 23.07 1.87
CA ASP C 139 -1.31 21.96 1.51
C ASP C 139 -2.04 20.88 0.73
N ILE C 140 -3.37 20.89 0.71
CA ILE C 140 -4.15 19.82 0.10
C ILE C 140 -4.26 20.08 -1.39
N VAL C 141 -3.89 19.09 -2.20
CA VAL C 141 -4.03 19.18 -3.65
C VAL C 141 -5.05 18.15 -4.08
N PHE C 142 -6.31 18.57 -4.21
CA PHE C 142 -7.39 17.69 -4.61
C PHE C 142 -7.37 17.57 -6.13
N LYS C 143 -6.90 16.43 -6.64
CA LYS C 143 -6.74 16.20 -8.06
C LYS C 143 -7.69 15.10 -8.52
N ARG C 144 -8.49 15.42 -9.55
CA ARG C 144 -9.40 14.46 -10.15
C ARG C 144 -9.07 14.33 -11.63
N ILE C 145 -8.95 13.09 -12.10
CA ILE C 145 -8.62 12.80 -13.49
C ILE C 145 -9.76 11.99 -14.08
N SER C 146 -10.38 12.51 -15.14
CA SER C 146 -11.52 11.87 -15.79
C SER C 146 -11.26 11.72 -17.28
N LYS C 147 -11.96 10.75 -17.89
CA LYS C 147 -11.85 10.45 -19.30
C LYS C 147 -13.19 10.71 -19.98
N ARG C 148 -13.15 11.39 -21.12
CA ARG C 148 -14.37 11.60 -21.91
C ARG C 148 -14.86 10.27 -22.46
N ILE C 149 -16.17 10.03 -22.35
CA ILE C 149 -16.76 8.79 -22.84
C ILE C 149 -17.75 9.08 -23.97
N GLY D 14 -28.80 -33.29 4.40
CA GLY D 14 -28.37 -33.11 3.03
C GLY D 14 -28.78 -31.77 2.45
N THR D 15 -28.15 -31.39 1.35
CA THR D 15 -28.44 -30.13 0.67
C THR D 15 -28.72 -30.39 -0.80
N GLU D 16 -29.40 -29.42 -1.42
CA GLU D 16 -29.73 -29.46 -2.84
C GLU D 16 -29.14 -28.24 -3.54
N ASN D 17 -28.84 -28.39 -4.83
CA ASN D 17 -28.25 -27.33 -5.63
C ASN D 17 -29.30 -26.75 -6.56
N LEU D 18 -29.53 -25.44 -6.45
CA LEU D 18 -30.48 -24.72 -7.29
C LEU D 18 -29.71 -23.71 -8.15
N TYR D 19 -29.50 -24.04 -9.42
CA TYR D 19 -28.74 -23.18 -10.33
C TYR D 19 -29.67 -22.43 -11.27
N PHE D 20 -29.48 -21.11 -11.34
CA PHE D 20 -30.23 -20.23 -12.23
C PHE D 20 -29.26 -19.49 -13.14
N GLN D 21 -29.80 -18.94 -14.24
CA GLN D 21 -28.99 -18.17 -15.16
C GLN D 21 -29.80 -16.97 -15.64
N SER D 22 -29.16 -15.80 -15.64
CA SER D 22 -29.80 -14.56 -16.06
C SER D 22 -28.89 -13.81 -17.03
N MET D 23 -29.49 -12.85 -17.71
CA MET D 23 -28.70 -11.91 -18.51
C MET D 23 -27.79 -11.09 -17.60
N SER D 24 -26.63 -10.73 -18.13
CA SER D 24 -25.68 -9.94 -17.35
C SER D 24 -26.22 -8.53 -17.16
N PHE D 25 -26.51 -8.16 -15.92
CA PHE D 25 -26.97 -6.82 -15.61
C PHE D 25 -25.83 -5.81 -15.48
N SER D 26 -24.58 -6.29 -15.49
CA SER D 26 -23.44 -5.41 -15.32
C SER D 26 -23.33 -4.43 -16.47
N GLY D 27 -22.98 -3.19 -16.16
CA GLY D 27 -22.79 -2.16 -17.16
C GLY D 27 -23.11 -0.80 -16.61
N LYS D 28 -22.73 0.22 -17.38
CA LYS D 28 -23.05 1.61 -17.07
C LYS D 28 -24.22 2.05 -17.93
N TYR D 29 -25.20 2.68 -17.31
CA TYR D 29 -26.46 3.01 -17.96
C TYR D 29 -26.73 4.50 -17.86
N GLN D 30 -27.02 5.11 -19.01
CA GLN D 30 -27.31 6.54 -19.09
C GLN D 30 -28.81 6.75 -19.04
N LEU D 31 -29.29 7.44 -18.02
CA LEU D 31 -30.71 7.73 -17.90
C LEU D 31 -31.17 8.61 -19.07
N GLN D 32 -32.22 8.17 -19.75
CA GLN D 32 -32.76 8.88 -20.91
C GLN D 32 -34.17 9.37 -20.71
N SER D 33 -35.07 8.51 -20.21
CA SER D 33 -36.46 8.87 -20.00
C SER D 33 -36.83 8.70 -18.54
N GLN D 34 -37.77 9.53 -18.09
CA GLN D 34 -38.19 9.52 -16.68
C GLN D 34 -39.60 10.06 -16.60
N GLU D 35 -40.49 9.30 -15.98
CA GLU D 35 -41.90 9.65 -15.86
C GLU D 35 -42.32 9.67 -14.41
N ASN D 36 -43.11 10.67 -14.03
CA ASN D 36 -43.71 10.76 -12.70
C ASN D 36 -42.64 10.84 -11.61
N PHE D 37 -41.54 11.56 -11.89
CA PHE D 37 -40.53 11.78 -10.87
C PHE D 37 -41.10 12.56 -9.69
N GLU D 38 -41.71 13.73 -9.98
CA GLU D 38 -42.22 14.58 -8.91
C GLU D 38 -43.33 13.88 -8.13
N ALA D 39 -44.25 13.21 -8.83
CA ALA D 39 -45.34 12.51 -8.15
C ALA D 39 -44.81 11.43 -7.21
N PHE D 40 -43.84 10.64 -7.67
CA PHE D 40 -43.28 9.58 -6.83
C PHE D 40 -42.50 10.15 -5.66
N MET D 41 -41.65 11.15 -5.92
CA MET D 41 -40.84 11.72 -4.84
C MET D 41 -41.70 12.45 -3.81
N LYS D 42 -42.79 13.09 -4.25
CA LYS D 42 -43.71 13.71 -3.31
C LYS D 42 -44.41 12.67 -2.45
N ALA D 43 -44.78 11.53 -3.04
CA ALA D 43 -45.49 10.50 -2.28
C ALA D 43 -44.59 9.86 -1.23
N ILE D 44 -43.31 9.64 -1.55
CA ILE D 44 -42.39 9.01 -0.61
C ILE D 44 -41.80 9.99 0.38
N GLY D 45 -42.19 11.26 0.33
CA GLY D 45 -41.73 12.23 1.31
C GLY D 45 -40.38 12.85 1.03
N LEU D 46 -39.97 12.91 -0.24
CA LEU D 46 -38.73 13.60 -0.57
C LEU D 46 -38.93 15.10 -0.42
N PRO D 47 -37.98 15.80 0.19
CA PRO D 47 -38.12 17.26 0.34
C PRO D 47 -38.28 17.94 -1.00
N GLU D 48 -39.20 18.93 -1.04
CA GLU D 48 -39.47 19.64 -2.29
C GLU D 48 -38.22 20.33 -2.83
N GLU D 49 -37.30 20.70 -1.95
CA GLU D 49 -36.02 21.27 -2.39
C GLU D 49 -35.28 20.31 -3.30
N LEU D 50 -35.15 19.05 -2.87
CA LEU D 50 -34.43 18.06 -3.66
C LEU D 50 -35.22 17.62 -4.89
N ILE D 51 -36.54 17.67 -4.82
CA ILE D 51 -37.37 17.25 -5.95
C ILE D 51 -37.12 18.15 -7.15
N GLN D 52 -37.30 19.46 -6.96
CA GLN D 52 -37.05 20.40 -8.05
C GLN D 52 -35.56 20.45 -8.42
N LYS D 53 -34.68 20.15 -7.47
CA LYS D 53 -33.25 20.24 -7.73
C LYS D 53 -32.79 19.14 -8.68
N GLY D 54 -33.34 17.94 -8.56
CA GLY D 54 -32.91 16.80 -9.34
C GLY D 54 -33.91 16.23 -10.33
N LYS D 55 -35.05 16.89 -10.54
CA LYS D 55 -36.08 16.30 -11.41
C LYS D 55 -35.63 16.20 -12.85
N ASP D 56 -34.72 17.07 -13.29
CA ASP D 56 -34.29 17.09 -14.68
C ASP D 56 -32.90 16.49 -14.87
N ILE D 57 -32.25 16.04 -13.79
CA ILE D 57 -30.93 15.42 -13.91
C ILE D 57 -31.09 14.02 -14.50
N LYS D 58 -30.39 13.76 -15.60
CA LYS D 58 -30.37 12.45 -16.24
C LYS D 58 -28.93 11.95 -16.19
N GLY D 59 -28.56 11.33 -15.08
CA GLY D 59 -27.21 10.89 -14.84
C GLY D 59 -26.96 9.47 -15.30
N VAL D 60 -25.82 8.92 -14.84
CA VAL D 60 -25.39 7.59 -15.22
C VAL D 60 -25.39 6.71 -13.97
N SER D 61 -26.04 5.56 -14.07
CA SER D 61 -26.03 4.56 -13.01
C SER D 61 -25.21 3.35 -13.45
N GLU D 62 -24.69 2.62 -12.47
CA GLU D 62 -23.84 1.46 -12.72
C GLU D 62 -24.34 0.26 -11.93
N ILE D 63 -24.32 -0.90 -12.58
CA ILE D 63 -24.61 -2.17 -11.94
C ILE D 63 -23.40 -3.07 -12.10
N VAL D 64 -23.01 -3.76 -11.03
CA VAL D 64 -21.91 -4.71 -11.05
C VAL D 64 -22.46 -6.05 -10.55
N GLN D 65 -22.66 -6.99 -11.46
CA GLN D 65 -23.20 -8.30 -11.14
C GLN D 65 -22.12 -9.35 -11.25
N ASN D 66 -21.94 -10.12 -10.17
CA ASN D 66 -20.99 -11.25 -10.13
CA ASN D 66 -20.99 -11.25 -10.13
C ASN D 66 -21.76 -12.45 -9.60
N GLY D 67 -22.49 -13.12 -10.50
CA GLY D 67 -23.31 -14.25 -10.10
C GLY D 67 -24.64 -13.80 -9.56
N LYS D 68 -24.92 -14.15 -8.30
CA LYS D 68 -26.13 -13.72 -7.63
C LYS D 68 -25.90 -12.47 -6.78
N HIS D 69 -24.69 -11.93 -6.78
CA HIS D 69 -24.34 -10.78 -5.96
C HIS D 69 -24.35 -9.53 -6.83
N PHE D 70 -24.99 -8.46 -6.33
CA PHE D 70 -25.12 -7.23 -7.07
C PHE D 70 -24.61 -6.05 -6.25
N LYS D 71 -23.93 -5.13 -6.94
CA LYS D 71 -23.60 -3.81 -6.41
C LYS D 71 -24.06 -2.80 -7.44
N PHE D 72 -25.00 -1.93 -7.06
CA PHE D 72 -25.55 -0.97 -8.00
C PHE D 72 -25.47 0.44 -7.42
N THR D 73 -25.00 1.38 -8.23
CA THR D 73 -24.85 2.79 -7.86
C THR D 73 -25.79 3.60 -8.73
N ILE D 74 -26.88 4.11 -8.13
CA ILE D 74 -27.95 4.75 -8.87
C ILE D 74 -27.88 6.25 -8.64
N THR D 75 -27.93 7.01 -9.73
CA THR D 75 -28.01 8.47 -9.68
C THR D 75 -29.49 8.84 -9.85
N ALA D 76 -30.12 9.22 -8.75
CA ALA D 76 -31.55 9.57 -8.73
C ALA D 76 -31.66 11.02 -8.28
N GLY D 77 -32.10 11.89 -9.18
CA GLY D 77 -32.17 13.31 -8.86
C GLY D 77 -30.80 13.88 -8.55
N SER D 78 -30.67 14.47 -7.37
CA SER D 78 -29.41 15.03 -6.91
C SER D 78 -28.68 14.11 -5.94
N LYS D 79 -29.08 12.85 -5.84
CA LYS D 79 -28.51 11.91 -4.90
C LYS D 79 -27.84 10.76 -5.64
N VAL D 80 -26.74 10.28 -5.10
CA VAL D 80 -26.06 9.07 -5.57
C VAL D 80 -26.19 8.03 -4.47
N ILE D 81 -26.96 6.98 -4.75
CA ILE D 81 -27.26 5.95 -3.76
C ILE D 81 -26.54 4.67 -4.16
N GLN D 82 -25.75 4.13 -3.24
CA GLN D 82 -25.01 2.90 -3.46
C GLN D 82 -25.57 1.80 -2.56
N ASN D 83 -25.76 0.62 -3.12
CA ASN D 83 -26.32 -0.50 -2.37
C ASN D 83 -25.71 -1.79 -2.89
N GLU D 84 -25.81 -2.84 -2.07
CA GLU D 84 -25.28 -4.15 -2.39
C GLU D 84 -26.25 -5.21 -1.87
N PHE D 85 -26.44 -6.27 -2.66
CA PHE D 85 -27.35 -7.32 -2.23
C PHE D 85 -27.01 -8.62 -2.96
N THR D 86 -27.47 -9.72 -2.37
CA THR D 86 -27.44 -11.04 -2.99
C THR D 86 -28.88 -11.51 -3.17
N VAL D 87 -29.17 -12.04 -4.37
CA VAL D 87 -30.54 -12.47 -4.67
C VAL D 87 -30.96 -13.55 -3.68
N GLY D 88 -32.19 -13.44 -3.18
CA GLY D 88 -32.72 -14.39 -2.22
C GLY D 88 -32.38 -14.13 -0.77
N GLU D 89 -31.46 -13.21 -0.48
CA GLU D 89 -31.09 -12.90 0.89
C GLU D 89 -31.73 -11.59 1.35
N GLU D 90 -32.18 -11.56 2.60
CA GLU D 90 -32.74 -10.35 3.18
C GLU D 90 -31.63 -9.32 3.35
N CYS D 91 -31.59 -8.35 2.45
CA CYS D 91 -30.57 -7.31 2.43
CA CYS D 91 -30.56 -7.32 2.48
C CYS D 91 -31.16 -5.99 2.91
N GLU D 92 -30.29 -5.10 3.37
CA GLU D 92 -30.68 -3.78 3.84
C GLU D 92 -30.29 -2.77 2.77
N LEU D 93 -31.29 -2.13 2.16
CA LEU D 93 -31.10 -1.19 1.08
C LEU D 93 -31.41 0.23 1.54
N GLU D 94 -30.59 1.18 1.11
CA GLU D 94 -30.83 2.59 1.39
C GLU D 94 -31.72 3.16 0.30
N THR D 95 -32.86 3.72 0.70
CA THR D 95 -33.85 4.21 -0.24
C THR D 95 -33.52 5.63 -0.69
N MET D 96 -34.42 6.20 -1.51
CA MET D 96 -34.23 7.57 -2.00
C MET D 96 -34.25 8.58 -0.85
N THR D 97 -35.12 8.37 0.13
CA THR D 97 -35.24 9.27 1.27
C THR D 97 -34.13 9.07 2.30
N GLY D 98 -33.12 8.27 1.99
CA GLY D 98 -32.08 7.94 2.94
C GLY D 98 -32.44 6.88 3.94
N GLU D 99 -33.72 6.56 4.09
CA GLU D 99 -34.15 5.52 4.99
C GLU D 99 -33.63 4.16 4.53
N LYS D 100 -33.20 3.35 5.48
CA LYS D 100 -32.69 2.00 5.18
C LYS D 100 -33.78 0.99 5.50
N VAL D 101 -34.14 0.19 4.52
CA VAL D 101 -35.17 -0.84 4.66
C VAL D 101 -34.56 -2.19 4.32
N LYS D 102 -35.11 -3.24 4.92
CA LYS D 102 -34.67 -4.61 4.67
C LYS D 102 -35.71 -5.33 3.81
N THR D 103 -35.26 -5.94 2.73
CA THR D 103 -36.13 -6.61 1.78
C THR D 103 -35.32 -7.68 1.06
N VAL D 104 -36.00 -8.42 0.18
CA VAL D 104 -35.37 -9.48 -0.60
C VAL D 104 -35.59 -9.19 -2.07
N VAL D 105 -34.52 -9.21 -2.84
CA VAL D 105 -34.58 -9.03 -4.29
C VAL D 105 -34.53 -10.39 -4.94
N GLN D 106 -35.42 -10.62 -5.91
CA GLN D 106 -35.54 -11.91 -6.56
C GLN D 106 -35.41 -11.74 -8.06
N LEU D 107 -34.97 -12.81 -8.72
CA LEU D 107 -34.84 -12.84 -10.17
C LEU D 107 -36.07 -13.51 -10.78
N GLU D 108 -36.71 -12.83 -11.71
CA GLU D 108 -37.83 -13.38 -12.46
C GLU D 108 -37.40 -13.55 -13.91
N GLY D 109 -37.54 -14.77 -14.43
CA GLY D 109 -37.01 -15.06 -15.74
C GLY D 109 -35.50 -14.96 -15.73
N ASP D 110 -34.94 -14.41 -16.81
CA ASP D 110 -33.49 -14.20 -16.91
C ASP D 110 -33.13 -12.73 -17.04
N ASN D 111 -34.08 -11.81 -16.84
CA ASN D 111 -33.79 -10.40 -17.08
C ASN D 111 -34.60 -9.44 -16.21
N LYS D 112 -35.23 -9.92 -15.14
CA LYS D 112 -36.03 -9.07 -14.26
C LYS D 112 -35.53 -9.21 -12.83
N LEU D 113 -35.30 -8.07 -12.17
CA LEU D 113 -34.98 -8.02 -10.76
C LEU D 113 -36.15 -7.37 -10.03
N VAL D 114 -36.80 -8.12 -9.15
CA VAL D 114 -38.05 -7.71 -8.52
C VAL D 114 -37.87 -7.73 -7.01
N THR D 115 -38.41 -6.72 -6.34
CA THR D 115 -38.41 -6.64 -4.89
C THR D 115 -39.55 -5.74 -4.46
N THR D 116 -39.95 -5.87 -3.19
CA THR D 116 -41.07 -5.10 -2.65
C THR D 116 -40.69 -4.59 -1.27
N PHE D 117 -40.87 -3.29 -1.06
CA PHE D 117 -40.53 -2.66 0.21
C PHE D 117 -41.39 -1.42 0.39
N LYS D 118 -42.01 -1.29 1.56
CA LYS D 118 -42.84 -0.14 1.90
C LYS D 118 -43.90 0.13 0.83
N ASN D 119 -44.64 -0.92 0.48
CA ASN D 119 -45.74 -0.86 -0.49
C ASN D 119 -45.27 -0.39 -1.86
N ILE D 120 -43.98 -0.52 -2.17
CA ILE D 120 -43.42 -0.11 -3.45
C ILE D 120 -42.98 -1.35 -4.20
N LYS D 121 -43.62 -1.62 -5.33
CA LYS D 121 -43.27 -2.75 -6.19
C LYS D 121 -42.21 -2.27 -7.18
N SER D 122 -40.98 -2.74 -7.01
CA SER D 122 -39.86 -2.35 -7.86
C SER D 122 -39.54 -3.48 -8.82
N VAL D 123 -39.50 -3.17 -10.11
CA VAL D 123 -39.18 -4.13 -11.16
C VAL D 123 -38.14 -3.51 -12.08
N THR D 124 -37.03 -4.21 -12.26
CA THR D 124 -35.94 -3.76 -13.11
C THR D 124 -35.75 -4.80 -14.22
N GLU D 125 -36.10 -4.45 -15.45
CA GLU D 125 -36.05 -5.35 -16.58
C GLU D 125 -34.98 -4.88 -17.56
N LEU D 126 -34.15 -5.83 -18.01
CA LEU D 126 -33.08 -5.56 -18.97
C LEU D 126 -33.46 -6.17 -20.31
N ASN D 127 -33.68 -5.33 -21.30
CA ASN D 127 -34.02 -5.75 -22.66
C ASN D 127 -32.87 -5.32 -23.58
N GLY D 128 -31.95 -6.23 -23.85
CA GLY D 128 -30.77 -5.91 -24.64
C GLY D 128 -29.87 -4.94 -23.93
N ASP D 129 -29.68 -3.75 -24.51
CA ASP D 129 -28.92 -2.69 -23.89
C ASP D 129 -29.80 -1.69 -23.14
N ILE D 130 -31.13 -1.87 -23.20
CA ILE D 130 -32.07 -0.97 -22.55
C ILE D 130 -32.53 -1.60 -21.25
N ILE D 131 -32.44 -0.85 -20.16
CA ILE D 131 -32.90 -1.29 -18.84
C ILE D 131 -34.05 -0.40 -18.42
N THR D 132 -35.11 -1.02 -17.89
CA THR D 132 -36.31 -0.31 -17.47
C THR D 132 -36.55 -0.58 -16.00
N ASN D 133 -36.61 0.48 -15.20
CA ASN D 133 -36.86 0.39 -13.76
C ASN D 133 -38.24 0.99 -13.48
N THR D 134 -39.19 0.14 -13.10
CA THR D 134 -40.54 0.56 -12.79
C THR D 134 -40.78 0.41 -11.29
N MET D 135 -41.21 1.49 -10.64
CA MET D 135 -41.51 1.49 -9.21
C MET D 135 -42.93 1.99 -9.03
N THR D 136 -43.82 1.12 -8.57
CA THR D 136 -45.23 1.43 -8.43
C THR D 136 -45.58 1.63 -6.97
N LEU D 137 -46.18 2.78 -6.65
CA LEU D 137 -46.67 3.10 -5.32
C LEU D 137 -48.11 3.59 -5.48
N GLY D 138 -49.07 2.68 -5.35
CA GLY D 138 -50.46 3.01 -5.59
C GLY D 138 -50.73 3.30 -7.06
N ASP D 139 -51.18 4.52 -7.36
CA ASP D 139 -51.44 4.94 -8.73
C ASP D 139 -50.19 5.46 -9.43
N ILE D 140 -49.13 5.77 -8.69
CA ILE D 140 -47.94 6.39 -9.26
C ILE D 140 -47.04 5.29 -9.83
N VAL D 141 -46.68 5.44 -11.11
CA VAL D 141 -45.78 4.52 -11.79
C VAL D 141 -44.51 5.29 -12.12
N PHE D 142 -43.50 5.19 -11.26
CA PHE D 142 -42.23 5.85 -11.50
C PHE D 142 -41.41 4.97 -12.45
N LYS D 143 -41.31 5.40 -13.71
CA LYS D 143 -40.65 4.62 -14.73
C LYS D 143 -39.38 5.32 -15.20
N ARG D 144 -38.26 4.61 -15.15
CA ARG D 144 -36.98 5.12 -15.61
C ARG D 144 -36.46 4.21 -16.71
N ILE D 145 -36.04 4.80 -17.82
CA ILE D 145 -35.50 4.06 -18.96
C ILE D 145 -34.09 4.57 -19.20
N SER D 146 -33.11 3.66 -19.14
CA SER D 146 -31.71 3.99 -19.31
C SER D 146 -31.10 3.17 -20.43
N LYS D 147 -30.00 3.68 -20.97
CA LYS D 147 -29.29 3.03 -22.07
C LYS D 147 -27.89 2.63 -21.60
N ARG D 148 -27.53 1.38 -21.86
CA ARG D 148 -26.19 0.91 -21.53
C ARG D 148 -25.16 1.58 -22.43
N ILE D 149 -24.07 2.05 -21.83
CA ILE D 149 -23.02 2.70 -22.59
C ILE D 149 -21.72 1.91 -22.49
N LEU E 13 8.39 24.55 -9.05
CA LEU E 13 7.16 25.12 -8.52
C LEU E 13 5.95 24.61 -9.30
N GLY E 14 6.15 24.35 -10.59
CA GLY E 14 5.11 23.83 -11.44
C GLY E 14 5.25 22.33 -11.66
N THR E 15 4.16 21.72 -12.14
CA THR E 15 4.12 20.29 -12.41
C THR E 15 3.65 20.06 -13.84
N GLU E 16 3.97 18.88 -14.34
CA GLU E 16 3.58 18.44 -15.67
C GLU E 16 2.78 17.14 -15.56
N ASN E 17 1.88 16.93 -16.51
CA ASN E 17 1.03 15.74 -16.54
C ASN E 17 1.54 14.82 -17.64
N LEU E 18 1.90 13.59 -17.28
CA LEU E 18 2.33 12.60 -18.24
C LEU E 18 1.27 11.50 -18.26
N TYR E 19 0.39 11.56 -19.24
CA TYR E 19 -0.71 10.62 -19.40
C TYR E 19 -0.38 9.67 -20.55
N PHE E 20 -0.51 8.37 -20.29
CA PHE E 20 -0.18 7.36 -21.28
C PHE E 20 -1.40 6.50 -21.57
N GLN E 21 -1.33 5.78 -22.69
CA GLN E 21 -2.39 4.89 -23.14
C GLN E 21 -1.75 3.62 -23.66
N SER E 22 -2.27 2.47 -23.22
CA SER E 22 -1.76 1.17 -23.62
C SER E 22 -2.91 0.27 -24.04
N MET E 23 -2.57 -0.81 -24.74
CA MET E 23 -3.56 -1.84 -25.00
C MET E 23 -4.01 -2.48 -23.70
N SER E 24 -5.27 -2.90 -23.67
CA SER E 24 -5.82 -3.53 -22.48
C SER E 24 -5.20 -4.91 -22.31
N PHE E 25 -4.43 -5.10 -21.23
CA PHE E 25 -3.84 -6.38 -20.93
C PHE E 25 -4.81 -7.33 -20.22
N SER E 26 -5.97 -6.83 -19.82
CA SER E 26 -6.92 -7.67 -19.10
C SER E 26 -7.41 -8.82 -19.97
N GLY E 27 -7.48 -10.00 -19.37
CA GLY E 27 -7.96 -11.17 -20.07
C GLY E 27 -7.31 -12.43 -19.54
N LYS E 28 -7.88 -13.56 -19.96
CA LYS E 28 -7.32 -14.87 -19.64
C LYS E 28 -6.59 -15.40 -20.86
N TYR E 29 -5.38 -15.91 -20.65
CA TYR E 29 -4.49 -16.28 -21.75
C TYR E 29 -4.10 -17.75 -21.63
N GLN E 30 -4.24 -18.47 -22.74
CA GLN E 30 -3.91 -19.90 -22.81
C GLN E 30 -2.49 -20.07 -23.34
N LEU E 31 -1.62 -20.66 -22.53
CA LEU E 31 -0.24 -20.91 -22.95
C LEU E 31 -0.21 -21.83 -24.16
N GLN E 32 0.52 -21.42 -25.19
CA GLN E 32 0.61 -22.16 -26.44
C GLN E 32 2.02 -22.64 -26.74
N SER E 33 3.02 -21.76 -26.65
CA SER E 33 4.39 -22.10 -26.94
C SER E 33 5.27 -21.82 -25.74
N GLN E 34 6.33 -22.61 -25.59
CA GLN E 34 7.22 -22.49 -24.45
C GLN E 34 8.59 -23.04 -24.83
N GLU E 35 9.63 -22.22 -24.65
CA GLU E 35 10.99 -22.59 -25.02
C GLU E 35 11.91 -22.47 -23.82
N ASN E 36 12.82 -23.44 -23.68
CA ASN E 36 13.86 -23.42 -22.65
C ASN E 36 13.26 -23.39 -21.24
N PHE E 37 12.16 -24.12 -21.05
CA PHE E 37 11.57 -24.23 -19.72
C PHE E 37 12.53 -24.93 -18.76
N GLU E 38 13.01 -26.11 -19.13
CA GLU E 38 13.88 -26.88 -18.24
C GLU E 38 15.18 -26.13 -17.96
N ALA E 39 15.80 -25.57 -19.00
CA ALA E 39 17.05 -24.85 -18.82
C ALA E 39 16.88 -23.66 -17.89
N PHE E 40 15.80 -22.89 -18.06
CA PHE E 40 15.58 -21.71 -17.23
C PHE E 40 15.28 -22.10 -15.79
N MET E 41 14.40 -23.08 -15.58
CA MET E 41 14.04 -23.48 -14.24
C MET E 41 15.24 -24.09 -13.51
N LYS E 42 16.12 -24.78 -14.25
CA LYS E 42 17.35 -25.30 -13.66
C LYS E 42 18.27 -24.17 -13.24
N ALA E 43 18.33 -23.10 -14.04
CA ALA E 43 19.24 -22.01 -13.71
C ALA E 43 18.79 -21.27 -12.46
N ILE E 44 17.47 -21.11 -12.27
CA ILE E 44 16.98 -20.39 -11.10
C ILE E 44 16.90 -21.26 -9.86
N GLY E 45 17.33 -22.51 -9.94
CA GLY E 45 17.35 -23.39 -8.80
C GLY E 45 16.06 -24.09 -8.48
N LEU E 46 15.18 -24.26 -9.46
CA LEU E 46 13.96 -25.03 -9.24
C LEU E 46 14.30 -26.51 -9.14
N PRO E 47 13.74 -27.23 -8.17
CA PRO E 47 14.04 -28.67 -8.04
C PRO E 47 13.69 -29.41 -9.32
N GLU E 48 14.57 -30.34 -9.71
CA GLU E 48 14.37 -31.09 -10.94
C GLU E 48 13.06 -31.88 -10.92
N GLU E 49 12.59 -32.28 -9.73
CA GLU E 49 11.30 -32.95 -9.62
C GLU E 49 10.18 -32.06 -10.14
N LEU E 50 10.16 -30.79 -9.71
CA LEU E 50 9.11 -29.87 -10.16
C LEU E 50 9.29 -29.48 -11.61
N ILE E 51 10.54 -29.47 -12.10
CA ILE E 51 10.79 -29.10 -13.49
C ILE E 51 10.13 -30.11 -14.43
N GLN E 52 10.44 -31.39 -14.25
CA GLN E 52 9.82 -32.43 -15.08
C GLN E 52 8.31 -32.52 -14.85
N LYS E 53 7.85 -32.14 -13.65
CA LYS E 53 6.43 -32.26 -13.33
C LYS E 53 5.60 -31.27 -14.13
N GLY E 54 6.10 -30.05 -14.33
CA GLY E 54 5.35 -29.00 -14.99
C GLY E 54 5.85 -28.54 -16.34
N LYS E 55 6.85 -29.23 -16.92
CA LYS E 55 7.40 -28.76 -18.18
C LYS E 55 6.42 -28.86 -19.34
N ASP E 56 5.46 -29.79 -19.25
CA ASP E 56 4.51 -30.02 -20.32
C ASP E 56 3.13 -29.45 -20.03
N ILE E 57 2.93 -28.85 -18.87
CA ILE E 57 1.65 -28.25 -18.52
C ILE E 57 1.48 -26.94 -19.28
N LYS E 58 0.39 -26.82 -20.01
CA LYS E 58 0.04 -25.60 -20.75
C LYS E 58 -1.27 -25.07 -20.16
N GLY E 59 -1.17 -24.29 -19.09
CA GLY E 59 -2.32 -23.79 -18.38
C GLY E 59 -2.78 -22.44 -18.87
N VAL E 60 -3.66 -21.82 -18.09
CA VAL E 60 -4.26 -20.54 -18.41
C VAL E 60 -3.84 -19.53 -17.34
N SER E 61 -3.33 -18.38 -17.78
CA SER E 61 -3.00 -17.27 -16.91
C SER E 61 -3.98 -16.13 -17.13
N GLU E 62 -4.15 -15.30 -16.11
CA GLU E 62 -5.10 -14.20 -16.16
C GLU E 62 -4.43 -12.89 -15.75
N ILE E 63 -4.76 -11.82 -16.47
CA ILE E 63 -4.31 -10.47 -16.15
C ILE E 63 -5.55 -9.61 -15.94
N VAL E 64 -5.53 -8.78 -14.91
CA VAL E 64 -6.59 -7.81 -14.62
C VAL E 64 -5.94 -6.44 -14.52
N GLN E 65 -6.14 -5.61 -15.53
CA GLN E 65 -5.53 -4.28 -15.58
C GLN E 65 -6.58 -3.20 -15.35
N ASN E 66 -6.31 -2.32 -14.39
CA ASN E 66 -7.16 -1.17 -14.11
CA ASN E 66 -7.16 -1.16 -14.10
C ASN E 66 -6.26 0.07 -14.09
N GLY E 67 -6.17 0.74 -15.23
CA GLY E 67 -5.26 1.87 -15.35
C GLY E 67 -3.82 1.40 -15.34
N LYS E 68 -3.04 1.88 -14.38
CA LYS E 68 -1.66 1.41 -14.20
C LYS E 68 -1.55 0.34 -13.13
N HIS E 69 -2.67 -0.11 -12.57
CA HIS E 69 -2.68 -1.18 -11.59
C HIS E 69 -2.92 -2.52 -12.28
N PHE E 70 -2.18 -3.54 -11.85
CA PHE E 70 -2.21 -4.86 -12.46
C PHE E 70 -2.37 -5.93 -11.39
N LYS E 71 -3.13 -6.97 -11.71
CA LYS E 71 -3.20 -8.18 -10.89
C LYS E 71 -2.89 -9.38 -11.78
N PHE E 72 -1.81 -10.07 -11.48
CA PHE E 72 -1.34 -11.20 -12.29
C PHE E 72 -1.59 -12.50 -11.54
N THR E 73 -2.17 -13.47 -12.24
CA THR E 73 -2.28 -14.85 -11.75
C THR E 73 -1.67 -15.72 -12.84
N ILE E 74 -0.46 -16.21 -12.61
CA ILE E 74 0.33 -16.90 -13.63
C ILE E 74 0.42 -18.38 -13.28
N THR E 75 0.11 -19.23 -14.26
CA THR E 75 0.29 -20.67 -14.14
C THR E 75 1.62 -21.04 -14.79
N ALA E 76 2.62 -21.36 -13.97
CA ALA E 76 3.96 -21.69 -14.44
C ALA E 76 4.28 -23.11 -13.98
N GLY E 77 4.38 -24.03 -14.93
CA GLY E 77 4.61 -25.43 -14.59
C GLY E 77 3.47 -25.96 -13.75
N SER E 78 3.79 -26.47 -12.56
CA SER E 78 2.79 -26.97 -11.63
C SER E 78 2.46 -25.96 -10.54
N LYS E 79 2.86 -24.70 -10.69
CA LYS E 79 2.67 -23.68 -9.69
C LYS E 79 1.77 -22.57 -10.23
N VAL E 80 0.94 -22.03 -9.35
CA VAL E 80 0.11 -20.87 -9.66
C VAL E 80 0.63 -19.71 -8.80
N ILE E 81 1.19 -18.69 -9.46
CA ILE E 81 1.80 -17.55 -8.78
C ILE E 81 0.90 -16.34 -9.01
N GLN E 82 0.51 -15.70 -7.90
CA GLN E 82 -0.33 -14.51 -7.95
C GLN E 82 0.49 -13.32 -7.51
N ASN E 83 0.39 -12.21 -8.24
CA ASN E 83 1.16 -11.02 -7.94
C ASN E 83 0.36 -9.78 -8.29
N GLU E 84 0.76 -8.65 -7.70
CA GLU E 84 0.10 -7.37 -7.89
C GLU E 84 1.15 -6.27 -7.94
N PHE E 85 0.94 -5.30 -8.84
CA PHE E 85 1.88 -4.19 -8.95
C PHE E 85 1.20 -3.01 -9.60
N THR E 86 1.79 -1.83 -9.39
CA THR E 86 1.41 -0.59 -10.07
C THR E 86 2.61 -0.11 -10.88
N VAL E 87 2.35 0.27 -12.13
CA VAL E 87 3.43 0.72 -13.01
C VAL E 87 4.09 1.95 -12.42
N GLY E 88 5.43 1.96 -12.43
CA GLY E 88 6.20 3.05 -11.89
C GLY E 88 6.43 3.01 -10.40
N GLU E 89 5.69 2.18 -9.66
CA GLU E 89 5.85 2.05 -8.22
C GLU E 89 6.55 0.74 -7.91
N GLU E 90 7.42 0.76 -6.91
CA GLU E 90 8.13 -0.45 -6.52
C GLU E 90 7.17 -1.48 -5.93
N CYS E 91 7.27 -2.71 -6.42
CA CYS E 91 6.44 -3.81 -5.97
C CYS E 91 7.33 -4.97 -5.54
N GLU E 92 6.76 -5.85 -4.72
CA GLU E 92 7.42 -7.07 -4.29
C GLU E 92 6.76 -8.25 -4.99
N LEU E 93 7.52 -8.94 -5.84
CA LEU E 93 7.00 -10.02 -6.65
C LEU E 93 7.51 -11.37 -6.14
N GLU E 94 6.62 -12.36 -6.11
CA GLU E 94 6.99 -13.72 -5.74
C GLU E 94 7.46 -14.47 -6.98
N THR E 95 8.67 -15.00 -6.93
CA THR E 95 9.25 -15.70 -8.06
C THR E 95 8.78 -17.16 -8.11
N MET E 96 9.30 -17.90 -9.09
CA MET E 96 8.95 -19.31 -9.20
C MET E 96 9.45 -20.11 -8.00
N THR E 97 10.64 -19.77 -7.50
CA THR E 97 11.25 -20.44 -6.36
C THR E 97 10.64 -20.01 -5.03
N GLY E 98 9.55 -19.25 -5.05
CA GLY E 98 8.96 -18.72 -3.84
C GLY E 98 9.63 -17.51 -3.26
N GLU E 99 10.86 -17.20 -3.69
CA GLU E 99 11.55 -16.00 -3.22
C GLU E 99 10.82 -14.75 -3.68
N LYS E 100 10.73 -13.77 -2.79
CA LYS E 100 10.09 -12.49 -3.09
C LYS E 100 11.16 -11.44 -3.38
N VAL E 101 11.05 -10.80 -4.54
CA VAL E 101 11.99 -9.76 -4.94
C VAL E 101 11.23 -8.46 -5.15
N LYS E 102 11.92 -7.35 -4.95
CA LYS E 102 11.35 -6.02 -5.12
C LYS E 102 11.90 -5.37 -6.38
N THR E 103 11.01 -4.88 -7.23
CA THR E 103 11.40 -4.30 -8.51
C THR E 103 10.31 -3.34 -8.96
N VAL E 104 10.56 -2.68 -10.09
CA VAL E 104 9.64 -1.71 -10.69
C VAL E 104 9.32 -2.17 -12.10
N VAL E 105 8.04 -2.22 -12.45
CA VAL E 105 7.58 -2.58 -13.79
C VAL E 105 7.28 -1.29 -14.54
N GLN E 106 7.74 -1.22 -15.80
CA GLN E 106 7.60 -0.01 -16.61
C GLN E 106 6.92 -0.36 -17.93
N LEU E 107 6.23 0.62 -18.49
CA LEU E 107 5.55 0.48 -19.78
C LEU E 107 6.39 1.08 -20.90
N GLU E 108 6.64 0.29 -21.94
CA GLU E 108 7.31 0.75 -23.14
C GLU E 108 6.32 0.71 -24.30
N GLY E 109 6.14 1.84 -24.97
CA GLY E 109 5.13 1.91 -26.01
C GLY E 109 3.74 1.75 -25.43
N ASP E 110 2.89 1.01 -26.15
CA ASP E 110 1.53 0.75 -25.69
C ASP E 110 1.27 -0.74 -25.45
N ASN E 111 2.31 -1.58 -25.46
CA ASN E 111 2.08 -3.01 -25.35
C ASN E 111 3.22 -3.79 -24.69
N LYS E 112 4.15 -3.14 -24.01
CA LYS E 112 5.27 -3.83 -23.38
C LYS E 112 5.32 -3.51 -21.88
N LEU E 113 5.42 -4.54 -21.06
CA LEU E 113 5.65 -4.41 -19.63
C LEU E 113 7.04 -4.96 -19.33
N VAL E 114 7.93 -4.10 -18.86
CA VAL E 114 9.34 -4.44 -18.71
C VAL E 114 9.74 -4.29 -17.25
N THR E 115 10.54 -5.24 -16.76
CA THR E 115 11.08 -5.18 -15.41
C THR E 115 12.34 -6.04 -15.37
N THR E 116 13.18 -5.78 -14.37
CA THR E 116 14.44 -6.49 -14.21
C THR E 116 14.64 -6.80 -12.74
N PHE E 117 14.94 -8.07 -12.43
CA PHE E 117 15.14 -8.50 -11.06
C PHE E 117 16.07 -9.70 -11.05
N LYS E 118 17.09 -9.64 -10.20
CA LYS E 118 18.07 -10.72 -10.06
C LYS E 118 18.66 -11.13 -11.40
N ASN E 119 19.15 -10.12 -12.14
CA ASN E 119 19.82 -10.29 -13.43
C ASN E 119 18.91 -10.93 -14.48
N ILE E 120 17.60 -10.85 -14.31
CA ILE E 120 16.64 -11.43 -15.23
C ILE E 120 15.88 -10.30 -15.92
N LYS E 121 16.04 -10.19 -17.23
CA LYS E 121 15.33 -9.20 -18.03
C LYS E 121 14.00 -9.81 -18.49
N SER E 122 12.90 -9.33 -17.92
CA SER E 122 11.56 -9.83 -18.24
C SER E 122 10.84 -8.82 -19.12
N VAL E 123 10.31 -9.29 -20.25
CA VAL E 123 9.57 -8.47 -21.20
C VAL E 123 8.27 -9.17 -21.55
N THR E 124 7.15 -8.49 -21.36
CA THR E 124 5.82 -9.02 -21.66
C THR E 124 5.18 -8.13 -22.71
N GLU E 125 5.04 -8.65 -23.93
CA GLU E 125 4.51 -7.90 -25.06
C GLU E 125 3.17 -8.49 -25.48
N LEU E 126 2.19 -7.62 -25.71
CA LEU E 126 0.84 -8.00 -26.11
C LEU E 126 0.65 -7.62 -27.58
N ASN E 127 0.50 -8.61 -28.44
CA ASN E 127 0.27 -8.41 -29.87
C ASN E 127 -1.11 -8.95 -30.22
N GLY E 128 -2.11 -8.07 -30.23
CA GLY E 128 -3.48 -8.49 -30.47
C GLY E 128 -4.01 -9.36 -29.35
N ASP E 129 -4.34 -10.61 -29.68
CA ASP E 129 -4.75 -11.59 -28.69
C ASP E 129 -3.60 -12.46 -28.22
N ILE E 130 -2.41 -12.27 -28.80
CA ILE E 130 -1.22 -13.06 -28.45
C ILE E 130 -0.36 -12.24 -27.50
N ILE E 131 0.01 -12.83 -26.37
CA ILE E 131 0.89 -12.20 -25.41
C ILE E 131 2.17 -13.04 -25.33
N THR E 132 3.31 -12.35 -25.33
CA THR E 132 4.61 -13.01 -25.30
C THR E 132 5.39 -12.52 -24.09
N ASN E 133 5.79 -13.45 -23.22
CA ASN E 133 6.57 -13.14 -22.03
C ASN E 133 7.97 -13.73 -22.21
N THR E 134 8.96 -12.86 -22.35
CA THR E 134 10.34 -13.26 -22.55
C THR E 134 11.16 -12.91 -21.31
N MET E 135 11.86 -13.91 -20.77
CA MET E 135 12.73 -13.73 -19.60
C MET E 135 14.12 -14.24 -19.96
N THR E 136 15.10 -13.35 -20.01
CA THR E 136 16.46 -13.67 -20.39
C THR E 136 17.34 -13.69 -19.16
N LEU E 137 18.06 -14.80 -18.96
CA LEU E 137 19.03 -14.96 -17.88
C LEU E 137 20.32 -15.49 -18.51
N GLY E 138 21.23 -14.58 -18.86
CA GLY E 138 22.43 -14.96 -19.56
C GLY E 138 22.15 -15.42 -20.98
N ASP E 139 22.48 -16.67 -21.28
CA ASP E 139 22.18 -17.24 -22.60
C ASP E 139 20.78 -17.82 -22.69
N ILE E 140 20.12 -18.04 -21.56
CA ILE E 140 18.81 -18.69 -21.55
C ILE E 140 17.73 -17.65 -21.84
N VAL E 141 16.92 -17.91 -22.85
CA VAL E 141 15.80 -17.04 -23.22
C VAL E 141 14.52 -17.84 -22.99
N PHE E 142 13.91 -17.65 -21.83
CA PHE E 142 12.66 -18.33 -21.51
C PHE E 142 11.52 -17.57 -22.16
N LYS E 143 10.98 -18.12 -23.24
CA LYS E 143 9.94 -17.46 -24.03
C LYS E 143 8.64 -18.24 -23.92
N ARG E 144 7.57 -17.55 -23.53
CA ARG E 144 6.24 -18.13 -23.44
C ARG E 144 5.30 -17.34 -24.33
N ILE E 145 4.50 -18.06 -25.13
CA ILE E 145 3.54 -17.47 -26.04
C ILE E 145 2.16 -17.97 -25.64
N SER E 146 1.27 -17.03 -25.29
CA SER E 146 -0.08 -17.36 -24.87
C SER E 146 -1.08 -16.59 -25.71
N LYS E 147 -2.28 -17.14 -25.83
CA LYS E 147 -3.36 -16.52 -26.60
C LYS E 147 -4.54 -16.26 -25.68
N ARG E 148 -5.12 -15.06 -25.80
CA ARG E 148 -6.32 -14.73 -25.03
C ARG E 148 -7.50 -15.59 -25.48
N ILE E 149 -8.24 -16.11 -24.51
CA ILE E 149 -9.39 -16.96 -24.79
C ILE E 149 -10.67 -16.30 -24.29
N GLY F 14 -20.86 -3.58 55.26
CA GLY F 14 -19.44 -3.51 54.98
C GLY F 14 -19.11 -2.62 53.79
N THR F 15 -17.85 -2.23 53.69
CA THR F 15 -17.38 -1.38 52.60
C THR F 15 -16.17 -2.03 51.94
N GLU F 16 -15.90 -1.59 50.70
CA GLU F 16 -14.78 -2.04 49.92
C GLU F 16 -13.92 -0.85 49.55
N ASN F 17 -12.62 -1.08 49.38
CA ASN F 17 -11.68 -0.03 49.03
C ASN F 17 -11.31 -0.17 47.57
N LEU F 18 -11.54 0.89 46.79
CA LEU F 18 -11.17 0.92 45.38
C LEU F 18 -10.06 1.94 45.23
N TYR F 19 -8.82 1.46 45.21
CA TYR F 19 -7.63 2.29 45.10
C TYR F 19 -7.09 2.18 43.69
N PHE F 20 -6.84 3.33 43.07
CA PHE F 20 -6.35 3.37 41.71
C PHE F 20 -4.99 4.08 41.67
N GLN F 21 -4.29 3.86 40.56
CA GLN F 21 -2.99 4.47 40.34
C GLN F 21 -2.92 4.93 38.90
N SER F 22 -2.48 6.17 38.68
CA SER F 22 -2.38 6.75 37.35
C SER F 22 -1.02 7.41 37.19
N MET F 23 -0.67 7.67 35.93
CA MET F 23 0.50 8.48 35.65
C MET F 23 0.28 9.90 36.18
N SER F 24 1.37 10.52 36.61
CA SER F 24 1.29 11.89 37.11
C SER F 24 0.99 12.85 35.97
N PHE F 25 -0.17 13.49 36.02
CA PHE F 25 -0.53 14.48 35.02
C PHE F 25 0.10 15.83 35.29
N SER F 26 0.74 16.01 36.45
CA SER F 26 1.35 17.29 36.78
C SER F 26 2.45 17.66 35.81
N GLY F 27 2.49 18.92 35.43
CA GLY F 27 3.53 19.41 34.53
C GLY F 27 3.01 20.55 33.69
N LYS F 28 3.95 21.22 33.03
CA LYS F 28 3.66 22.30 32.10
C LYS F 28 3.77 21.78 30.68
N TYR F 29 2.78 22.09 29.84
CA TYR F 29 2.65 21.51 28.51
C TYR F 29 2.59 22.60 27.48
N GLN F 30 3.43 22.49 26.45
CA GLN F 30 3.50 23.45 25.35
C GLN F 30 2.65 22.95 24.19
N LEU F 31 1.64 23.74 23.83
CA LEU F 31 0.77 23.39 22.70
C LEU F 31 1.58 23.32 21.42
N GLN F 32 1.45 22.21 20.70
CA GLN F 32 2.19 21.99 19.46
C GLN F 32 1.28 21.81 18.25
N SER F 33 0.26 20.96 18.36
CA SER F 33 -0.66 20.69 17.27
C SER F 33 -2.08 21.01 17.69
N GLN F 34 -2.90 21.41 16.72
CA GLN F 34 -4.27 21.83 17.00
C GLN F 34 -5.10 21.63 15.74
N GLU F 35 -6.21 20.90 15.86
CA GLU F 35 -7.06 20.56 14.73
C GLU F 35 -8.48 21.05 14.99
N ASN F 36 -9.10 21.62 13.96
CA ASN F 36 -10.51 22.03 13.99
C ASN F 36 -10.76 23.07 15.09
N PHE F 37 -9.80 23.98 15.28
CA PHE F 37 -9.99 25.06 16.23
C PHE F 37 -11.13 25.98 15.82
N GLU F 38 -11.07 26.51 14.60
CA GLU F 38 -12.06 27.48 14.14
C GLU F 38 -13.46 26.87 14.09
N ALA F 39 -13.57 25.66 13.54
CA ALA F 39 -14.87 25.00 13.45
C ALA F 39 -15.48 24.77 14.83
N PHE F 40 -14.67 24.32 15.78
CA PHE F 40 -15.18 24.03 17.13
C PHE F 40 -15.62 25.30 17.84
N MET F 41 -14.82 26.36 17.76
CA MET F 41 -15.16 27.59 18.47
C MET F 41 -16.43 28.21 17.91
N LYS F 42 -16.65 28.08 16.59
CA LYS F 42 -17.90 28.58 16.01
C LYS F 42 -19.09 27.78 16.50
N ALA F 43 -18.92 26.46 16.67
CA ALA F 43 -20.03 25.63 17.11
C ALA F 43 -20.47 26.01 18.52
N ILE F 44 -19.51 26.32 19.39
CA ILE F 44 -19.83 26.72 20.76
C ILE F 44 -20.16 28.21 20.86
N GLY F 45 -20.15 28.94 19.74
CA GLY F 45 -20.53 30.33 19.75
C GLY F 45 -19.45 31.33 20.14
N LEU F 46 -18.18 30.99 19.93
CA LEU F 46 -17.11 31.94 20.20
C LEU F 46 -17.12 33.05 19.16
N PRO F 47 -17.00 34.31 19.58
CA PRO F 47 -16.98 35.42 18.60
C PRO F 47 -15.86 35.29 17.59
N GLU F 48 -16.17 35.61 16.33
CA GLU F 48 -15.19 35.54 15.25
C GLU F 48 -13.97 36.42 15.52
N GLU F 49 -14.15 37.52 16.25
CA GLU F 49 -13.01 38.37 16.61
C GLU F 49 -12.00 37.59 17.44
N LEU F 50 -12.47 36.87 18.46
CA LEU F 50 -11.56 36.10 19.31
C LEU F 50 -11.03 34.87 18.60
N ILE F 51 -11.80 34.32 17.64
CA ILE F 51 -11.36 33.13 16.93
C ILE F 51 -10.10 33.43 16.12
N GLN F 52 -10.16 34.45 15.26
CA GLN F 52 -8.99 34.82 14.46
C GLN F 52 -7.84 35.33 15.34
N LYS F 53 -8.17 35.90 16.49
CA LYS F 53 -7.12 36.45 17.36
C LYS F 53 -6.29 35.35 18.00
N GLY F 54 -6.93 34.24 18.36
CA GLY F 54 -6.27 33.16 19.08
C GLY F 54 -6.13 31.85 18.34
N LYS F 55 -6.46 31.79 17.05
CA LYS F 55 -6.41 30.52 16.34
C LYS F 55 -4.98 30.02 16.18
N ASP F 56 -4.01 30.92 16.16
CA ASP F 56 -2.62 30.57 15.95
C ASP F 56 -1.78 30.62 17.22
N ILE F 57 -2.40 30.97 18.35
CA ILE F 57 -1.67 31.01 19.62
C ILE F 57 -1.41 29.60 20.11
N LYS F 58 -0.15 29.28 20.37
CA LYS F 58 0.26 27.99 20.92
C LYS F 58 0.92 28.27 22.27
N GLY F 59 0.09 28.35 23.32
CA GLY F 59 0.56 28.71 24.64
C GLY F 59 0.94 27.49 25.47
N VAL F 60 1.12 27.74 26.77
CA VAL F 60 1.54 26.72 27.73
C VAL F 60 0.43 26.53 28.74
N SER F 61 0.03 25.29 28.96
CA SER F 61 -0.95 24.93 29.98
C SER F 61 -0.25 24.15 31.10
N GLU F 62 -0.84 24.20 32.29
CA GLU F 62 -0.27 23.55 33.46
C GLU F 62 -1.34 22.72 34.16
N ILE F 63 -0.95 21.52 34.61
CA ILE F 63 -1.79 20.65 35.40
C ILE F 63 -1.09 20.39 36.73
N VAL F 64 -1.85 20.42 37.82
CA VAL F 64 -1.35 20.11 39.15
C VAL F 64 -2.21 19.01 39.73
N GLN F 65 -1.68 17.79 39.80
CA GLN F 65 -2.40 16.63 40.28
C GLN F 65 -1.86 16.22 41.65
N ASN F 66 -2.78 16.07 42.61
CA ASN F 66 -2.46 15.59 43.96
CA ASN F 66 -2.46 15.59 43.96
C ASN F 66 -3.49 14.52 44.29
N GLY F 67 -3.16 13.26 44.02
CA GLY F 67 -4.09 12.17 44.21
C GLY F 67 -5.16 12.19 43.15
N LYS F 68 -6.43 12.29 43.56
CA LYS F 68 -7.54 12.42 42.64
C LYS F 68 -7.98 13.87 42.44
N HIS F 69 -7.23 14.82 42.98
CA HIS F 69 -7.52 16.24 42.81
C HIS F 69 -6.66 16.81 41.69
N PHE F 70 -7.26 17.71 40.91
CA PHE F 70 -6.60 18.31 39.76
C PHE F 70 -6.81 19.82 39.76
N LYS F 71 -5.79 20.55 39.32
CA LYS F 71 -5.89 21.98 39.07
C LYS F 71 -5.44 22.25 37.65
N PHE F 72 -6.37 22.72 36.82
CA PHE F 72 -6.12 22.97 35.41
C PHE F 72 -5.95 24.45 35.15
N THR F 73 -4.86 24.81 34.48
CA THR F 73 -4.64 26.16 33.96
C THR F 73 -4.43 26.01 32.45
N ILE F 74 -5.44 26.36 31.66
CA ILE F 74 -5.46 26.09 30.24
C ILE F 74 -5.32 27.41 29.47
N THR F 75 -4.38 27.44 28.54
CA THR F 75 -4.23 28.55 27.60
C THR F 75 -4.91 28.12 26.30
N ALA F 76 -6.11 28.64 26.04
CA ALA F 76 -6.88 28.29 24.86
C ALA F 76 -7.12 29.56 24.06
N GLY F 77 -6.52 29.63 22.88
CA GLY F 77 -6.63 30.84 22.07
C GLY F 77 -6.04 32.02 22.81
N SER F 78 -6.83 33.07 22.99
CA SER F 78 -6.41 34.26 23.72
C SER F 78 -6.92 34.29 25.16
N LYS F 79 -7.43 33.17 25.67
CA LYS F 79 -8.02 33.12 27.01
C LYS F 79 -7.24 32.15 27.89
N VAL F 80 -7.12 32.49 29.16
CA VAL F 80 -6.55 31.61 30.18
C VAL F 80 -7.68 31.23 31.14
N ILE F 81 -8.08 29.96 31.11
CA ILE F 81 -9.19 29.47 31.92
C ILE F 81 -8.63 28.52 32.97
N GLN F 82 -8.96 28.78 34.24
CA GLN F 82 -8.51 27.96 35.36
C GLN F 82 -9.68 27.21 35.97
N ASN F 83 -9.47 25.93 36.26
CA ASN F 83 -10.52 25.08 36.82
C ASN F 83 -9.89 24.08 37.79
N GLU F 84 -10.74 23.52 38.66
CA GLU F 84 -10.33 22.57 39.68
C GLU F 84 -11.41 21.51 39.83
N PHE F 85 -10.99 20.26 40.03
CA PHE F 85 -11.96 19.19 40.20
C PHE F 85 -11.31 18.03 40.94
N THR F 86 -12.17 17.17 41.49
CA THR F 86 -11.78 15.89 42.07
C THR F 86 -12.43 14.79 41.26
N VAL F 87 -11.64 13.76 40.91
CA VAL F 87 -12.16 12.68 40.08
C VAL F 87 -13.32 11.99 40.79
N GLY F 88 -14.40 11.75 40.04
CA GLY F 88 -15.58 11.09 40.57
C GLY F 88 -16.56 12.00 41.28
N GLU F 89 -16.17 13.23 41.62
CA GLU F 89 -17.04 14.18 42.29
C GLU F 89 -17.49 15.26 41.31
N GLU F 90 -18.74 15.68 41.43
CA GLU F 90 -19.26 16.73 40.57
C GLU F 90 -18.56 18.07 40.85
N CYS F 91 -18.19 18.77 39.79
CA CYS F 91 -17.49 20.03 39.88
C CYS F 91 -18.13 21.03 38.91
N GLU F 92 -17.91 22.31 39.18
CA GLU F 92 -18.36 23.37 38.30
C GLU F 92 -17.17 23.86 37.48
N LEU F 93 -17.23 23.65 36.16
CA LEU F 93 -16.15 23.99 35.26
C LEU F 93 -16.53 25.18 34.40
N GLU F 94 -15.57 26.08 34.18
CA GLU F 94 -15.75 27.20 33.28
C GLU F 94 -15.37 26.77 31.87
N THR F 95 -16.32 26.91 30.94
CA THR F 95 -16.09 26.48 29.58
C THR F 95 -15.35 27.57 28.80
N MET F 96 -15.11 27.30 27.51
CA MET F 96 -14.44 28.30 26.68
C MET F 96 -15.28 29.56 26.55
N THR F 97 -16.60 29.41 26.47
CA THR F 97 -17.52 30.52 26.35
C THR F 97 -17.76 31.25 27.67
N GLY F 98 -17.02 30.92 28.72
CA GLY F 98 -17.21 31.50 30.03
C GLY F 98 -18.37 30.92 30.83
N GLU F 99 -19.28 30.19 30.18
CA GLU F 99 -20.38 29.56 30.89
C GLU F 99 -19.87 28.50 31.84
N LYS F 100 -20.50 28.41 33.01
CA LYS F 100 -20.14 27.44 34.04
C LYS F 100 -21.08 26.25 33.96
N VAL F 101 -20.52 25.06 33.81
CA VAL F 101 -21.30 23.82 33.75
C VAL F 101 -20.85 22.90 34.87
N LYS F 102 -21.76 22.03 35.32
CA LYS F 102 -21.50 21.07 36.36
C LYS F 102 -21.40 19.68 35.74
N THR F 103 -20.32 18.96 36.04
CA THR F 103 -20.09 17.65 35.46
C THR F 103 -19.16 16.87 36.38
N VAL F 104 -18.90 15.62 36.00
CA VAL F 104 -18.03 14.71 36.76
C VAL F 104 -16.91 14.24 35.83
N VAL F 105 -15.67 14.36 36.29
CA VAL F 105 -14.51 13.88 35.54
C VAL F 105 -14.10 12.53 36.11
N GLN F 106 -13.84 11.57 35.22
CA GLN F 106 -13.51 10.21 35.62
C GLN F 106 -12.19 9.79 35.00
N LEU F 107 -11.51 8.86 35.67
CA LEU F 107 -10.24 8.30 35.21
C LEU F 107 -10.49 6.96 34.53
N GLU F 108 -10.00 6.82 33.30
CA GLU F 108 -10.04 5.55 32.57
C GLU F 108 -8.61 5.03 32.42
N GLY F 109 -8.39 3.80 32.86
CA GLY F 109 -7.03 3.27 32.86
C GLY F 109 -6.16 4.05 33.84
N ASP F 110 -4.92 4.29 33.44
CA ASP F 110 -3.98 5.08 34.23
C ASP F 110 -3.54 6.36 33.53
N ASN F 111 -4.19 6.74 32.43
CA ASN F 111 -3.71 7.90 31.68
C ASN F 111 -4.81 8.64 30.91
N LYS F 112 -6.09 8.40 31.21
CA LYS F 112 -7.18 9.06 30.52
C LYS F 112 -8.09 9.77 31.53
N LEU F 113 -8.38 11.04 31.25
CA LEU F 113 -9.36 11.82 32.01
C LEU F 113 -10.52 12.11 31.08
N VAL F 114 -11.71 11.61 31.42
CA VAL F 114 -12.87 11.64 30.54
C VAL F 114 -14.00 12.40 31.24
N THR F 115 -14.68 13.24 30.48
CA THR F 115 -15.86 13.96 30.96
C THR F 115 -16.69 14.38 29.76
N THR F 116 -17.97 14.66 30.02
CA THR F 116 -18.90 15.07 28.97
C THR F 116 -19.76 16.21 29.50
N PHE F 117 -19.84 17.29 28.73
CA PHE F 117 -20.60 18.46 29.13
C PHE F 117 -21.06 19.22 27.89
N LYS F 118 -22.35 19.57 27.86
CA LYS F 118 -22.94 20.33 26.75
C LYS F 118 -22.66 19.65 25.40
N ASN F 119 -22.97 18.36 25.33
CA ASN F 119 -22.83 17.54 24.12
C ASN F 119 -21.39 17.48 23.62
N ILE F 120 -20.42 17.78 24.48
CA ILE F 120 -19.01 17.76 24.14
C ILE F 120 -18.34 16.62 24.90
N LYS F 121 -17.84 15.63 24.18
CA LYS F 121 -17.11 14.52 24.77
C LYS F 121 -15.64 14.89 24.84
N SER F 122 -15.14 15.12 26.05
CA SER F 122 -13.75 15.52 26.26
C SER F 122 -12.95 14.35 26.80
N VAL F 123 -11.83 14.05 26.14
CA VAL F 123 -10.93 12.97 26.53
C VAL F 123 -9.51 13.52 26.55
N THR F 124 -8.83 13.38 27.67
CA THR F 124 -7.47 13.86 27.84
C THR F 124 -6.58 12.67 28.17
N GLU F 125 -5.73 12.27 27.22
CA GLU F 125 -4.86 11.11 27.36
C GLU F 125 -3.41 11.57 27.41
N LEU F 126 -2.64 11.02 28.34
CA LEU F 126 -1.24 11.36 28.52
C LEU F 126 -0.39 10.17 28.06
N ASN F 127 0.37 10.37 26.99
CA ASN F 127 1.24 9.35 26.42
C ASN F 127 2.69 9.83 26.57
N GLY F 128 3.36 9.40 27.63
CA GLY F 128 4.71 9.83 27.89
C GLY F 128 4.80 11.30 28.22
N ASP F 129 5.50 12.07 27.38
CA ASP F 129 5.56 13.51 27.51
C ASP F 129 4.52 14.22 26.64
N ILE F 130 3.79 13.46 25.83
CA ILE F 130 2.77 14.02 24.94
C ILE F 130 1.40 13.82 25.57
N ILE F 131 0.63 14.90 25.67
CA ILE F 131 -0.74 14.85 26.17
C ILE F 131 -1.66 15.25 25.02
N THR F 132 -2.73 14.49 24.85
CA THR F 132 -3.68 14.72 23.76
C THR F 132 -5.06 14.96 24.35
N ASN F 133 -5.65 16.11 24.03
CA ASN F 133 -6.99 16.48 24.48
C ASN F 133 -7.90 16.50 23.26
N THR F 134 -8.84 15.56 23.20
CA THR F 134 -9.78 15.45 22.09
C THR F 134 -11.17 15.82 22.60
N MET F 135 -11.80 16.79 21.94
CA MET F 135 -13.14 17.25 22.30
C MET F 135 -14.02 17.15 21.06
N THR F 136 -15.01 16.26 21.12
CA THR F 136 -15.88 16.00 19.98
C THR F 136 -17.25 16.63 20.20
N LEU F 137 -17.69 17.42 19.22
CA LEU F 137 -19.01 18.04 19.22
C LEU F 137 -19.65 17.74 17.87
N GLY F 138 -20.43 16.66 17.80
CA GLY F 138 -21.00 16.21 16.55
C GLY F 138 -19.93 15.67 15.61
N ASP F 139 -19.79 16.30 14.45
CA ASP F 139 -18.75 15.92 13.50
C ASP F 139 -17.41 16.58 13.78
N ILE F 140 -17.38 17.61 14.62
CA ILE F 140 -16.16 18.37 14.86
C ILE F 140 -15.34 17.65 15.91
N VAL F 141 -14.08 17.37 15.58
CA VAL F 141 -13.14 16.71 16.50
C VAL F 141 -12.04 17.72 16.81
N PHE F 142 -12.18 18.42 17.93
CA PHE F 142 -11.18 19.39 18.37
C PHE F 142 -10.05 18.63 19.06
N LYS F 143 -8.92 18.50 18.38
CA LYS F 143 -7.78 17.74 18.87
C LYS F 143 -6.61 18.68 19.13
N ARG F 144 -6.07 18.63 20.35
CA ARG F 144 -4.91 19.41 20.73
C ARG F 144 -3.80 18.48 21.20
N ILE F 145 -2.59 18.69 20.70
CA ILE F 145 -1.43 17.88 21.05
C ILE F 145 -0.39 18.80 21.68
N SER F 146 -0.02 18.51 22.92
CA SER F 146 0.95 19.30 23.65
C SER F 146 2.07 18.39 24.17
N LYS F 147 3.23 18.98 24.39
CA LYS F 147 4.40 18.26 24.89
C LYS F 147 4.85 18.85 26.22
N ARG F 148 5.14 17.97 27.17
CA ARG F 148 5.67 18.40 28.46
C ARG F 148 7.04 19.02 28.27
N ILE F 149 7.27 20.16 28.91
CA ILE F 149 8.55 20.86 28.81
C ILE F 149 9.22 20.92 30.18
N GLY G 14 21.82 37.56 -3.99
CA GLY G 14 22.12 36.29 -4.62
C GLY G 14 22.41 35.18 -3.63
N THR G 15 22.34 33.94 -4.11
CA THR G 15 22.61 32.77 -3.28
C THR G 15 23.66 31.91 -3.96
N GLU G 16 24.30 31.05 -3.16
CA GLU G 16 25.33 30.15 -3.64
C GLU G 16 24.95 28.71 -3.33
N ASN G 17 25.39 27.80 -4.19
CA ASN G 17 25.14 26.37 -4.06
C ASN G 17 26.42 25.65 -3.66
N LEU G 18 26.37 24.89 -2.57
CA LEU G 18 27.49 24.14 -2.05
C LEU G 18 27.22 22.65 -2.25
N TYR G 19 27.90 22.04 -3.22
CA TYR G 19 27.68 20.66 -3.60
C TYR G 19 28.76 19.79 -2.95
N PHE G 20 28.34 18.76 -2.21
CA PHE G 20 29.28 17.85 -1.58
C PHE G 20 28.98 16.41 -1.96
N GLN G 21 29.99 15.55 -1.78
CA GLN G 21 29.87 14.12 -2.03
C GLN G 21 30.65 13.36 -0.97
N SER G 22 30.03 12.32 -0.42
CA SER G 22 30.66 11.47 0.58
C SER G 22 30.42 10.01 0.21
N MET G 23 31.22 9.13 0.81
CA MET G 23 30.96 7.69 0.69
C MET G 23 29.63 7.33 1.34
N SER G 24 28.98 6.30 0.79
CA SER G 24 27.71 5.85 1.33
C SER G 24 27.94 5.17 2.67
N PHE G 25 27.37 5.76 3.72
CA PHE G 25 27.47 5.19 5.07
C PHE G 25 26.46 4.08 5.31
N SER G 26 25.53 3.85 4.39
CA SER G 26 24.51 2.83 4.59
C SER G 26 25.12 1.44 4.70
N GLY G 27 24.62 0.66 5.65
CA GLY G 27 25.07 -0.69 5.84
C GLY G 27 24.97 -1.12 7.29
N LYS G 28 25.13 -2.41 7.51
CA LYS G 28 25.17 -2.99 8.84
C LYS G 28 26.62 -3.27 9.21
N TYR G 29 27.03 -2.87 10.41
CA TYR G 29 28.43 -2.90 10.82
C TYR G 29 28.61 -3.74 12.07
N GLN G 30 29.56 -4.67 12.02
CA GLN G 30 29.88 -5.55 13.13
C GLN G 30 31.05 -4.98 13.92
N LEU G 31 30.82 -4.66 15.19
CA LEU G 31 31.88 -4.14 16.04
C LEU G 31 33.00 -5.16 16.19
N GLN G 32 34.24 -4.72 15.95
CA GLN G 32 35.39 -5.60 15.99
C GLN G 32 36.39 -5.20 17.07
N SER G 33 36.78 -3.94 17.13
CA SER G 33 37.75 -3.44 18.09
C SER G 33 37.14 -2.33 18.93
N GLN G 34 37.60 -2.24 20.18
CA GLN G 34 37.04 -1.26 21.10
C GLN G 34 38.06 -0.94 22.18
N GLU G 35 38.37 0.34 22.34
CA GLU G 35 39.37 0.81 23.31
C GLU G 35 38.72 1.82 24.25
N ASN G 36 39.08 1.72 25.52
CA ASN G 36 38.63 2.66 26.55
C ASN G 36 37.11 2.67 26.68
N PHE G 37 36.49 1.49 26.54
CA PHE G 37 35.06 1.39 26.79
C PHE G 37 34.74 1.69 28.24
N GLU G 38 35.41 0.99 29.16
CA GLU G 38 35.14 1.17 30.58
C GLU G 38 35.45 2.59 31.03
N ALA G 39 36.60 3.12 30.60
CA ALA G 39 37.00 4.46 31.00
C ALA G 39 35.99 5.50 30.54
N PHE G 40 35.53 5.40 29.30
CA PHE G 40 34.58 6.38 28.78
C PHE G 40 33.23 6.25 29.48
N MET G 41 32.75 5.01 29.65
CA MET G 41 31.47 4.80 30.31
C MET G 41 31.52 5.21 31.77
N LYS G 42 32.67 5.04 32.42
CA LYS G 42 32.83 5.51 33.79
C LYS G 42 32.77 7.04 33.84
N ALA G 43 33.34 7.70 32.84
CA ALA G 43 33.36 9.17 32.83
C ALA G 43 31.97 9.76 32.65
N ILE G 44 31.14 9.13 31.81
CA ILE G 44 29.78 9.65 31.58
C ILE G 44 28.79 9.22 32.64
N GLY G 45 29.23 8.49 33.66
CA GLY G 45 28.36 8.11 34.75
C GLY G 45 27.50 6.88 34.48
N LEU G 46 27.94 6.00 33.60
CA LEU G 46 27.21 4.77 33.38
C LEU G 46 27.40 3.85 34.59
N PRO G 47 26.33 3.21 35.07
CA PRO G 47 26.48 2.32 36.23
C PRO G 47 27.50 1.22 35.97
N GLU G 48 28.33 0.96 36.99
CA GLU G 48 29.36 -0.06 36.86
C GLU G 48 28.77 -1.42 36.54
N GLU G 49 27.53 -1.67 36.99
CA GLU G 49 26.85 -2.91 36.64
C GLU G 49 26.71 -3.06 35.14
N LEU G 50 26.25 -2.01 34.46
CA LEU G 50 26.08 -2.06 33.01
C LEU G 50 27.41 -2.02 32.28
N ILE G 51 28.43 -1.40 32.88
CA ILE G 51 29.74 -1.32 32.24
C ILE G 51 30.33 -2.72 32.06
N GLN G 52 30.42 -3.47 33.16
CA GLN G 52 30.92 -4.84 33.08
C GLN G 52 29.95 -5.73 32.31
N LYS G 53 28.66 -5.39 32.31
CA LYS G 53 27.67 -6.22 31.65
C LYS G 53 27.81 -6.14 30.13
N GLY G 54 28.14 -4.96 29.60
CA GLY G 54 28.20 -4.75 28.18
C GLY G 54 29.56 -4.45 27.59
N LYS G 55 30.64 -4.56 28.38
CA LYS G 55 31.96 -4.19 27.87
C LYS G 55 32.44 -5.15 26.78
N ASP G 56 31.96 -6.40 26.80
CA ASP G 56 32.41 -7.42 25.87
C ASP G 56 31.39 -7.71 24.77
N ILE G 57 30.25 -7.01 24.78
CA ILE G 57 29.25 -7.22 23.74
C ILE G 57 29.73 -6.58 22.44
N LYS G 58 29.78 -7.38 21.37
CA LYS G 58 30.16 -6.92 20.04
C LYS G 58 28.95 -7.09 19.12
N GLY G 59 28.06 -6.11 19.13
CA GLY G 59 26.83 -6.19 18.37
C GLY G 59 26.96 -5.61 16.97
N VAL G 60 25.81 -5.45 16.32
CA VAL G 60 25.73 -4.95 14.96
C VAL G 60 24.96 -3.63 14.96
N SER G 61 25.54 -2.60 14.36
CA SER G 61 24.87 -1.33 14.15
C SER G 61 24.56 -1.15 12.68
N GLU G 62 23.52 -0.36 12.39
CA GLU G 62 23.09 -0.12 11.01
C GLU G 62 22.92 1.37 10.78
N ILE G 63 23.35 1.82 9.59
CA ILE G 63 23.18 3.20 9.16
C ILE G 63 22.38 3.18 7.86
N VAL G 64 21.42 4.11 7.76
CA VAL G 64 20.63 4.30 6.55
C VAL G 64 20.78 5.76 6.14
N GLN G 65 21.55 6.01 5.09
CA GLN G 65 21.81 7.36 4.61
C GLN G 65 21.10 7.59 3.29
N ASN G 66 20.41 8.72 3.18
CA ASN G 66 19.71 9.14 1.96
CA ASN G 66 19.72 9.14 1.96
C ASN G 66 20.03 10.61 1.75
N GLY G 67 21.13 10.89 1.05
CA GLY G 67 21.58 12.25 0.86
C GLY G 67 22.24 12.77 2.12
N LYS G 68 21.73 13.87 2.68
CA LYS G 68 22.21 14.40 3.93
C LYS G 68 21.36 13.97 5.12
N HIS G 69 20.51 12.97 4.94
CA HIS G 69 19.65 12.45 6.00
C HIS G 69 20.19 11.09 6.47
N PHE G 70 20.16 10.88 7.78
CA PHE G 70 20.71 9.68 8.40
C PHE G 70 19.70 9.08 9.37
N LYS G 71 19.68 7.75 9.42
CA LYS G 71 18.93 7.00 10.42
C LYS G 71 19.90 6.05 11.12
N PHE G 72 20.11 6.27 12.41
CA PHE G 72 21.11 5.55 13.17
C PHE G 72 20.48 4.48 14.05
N THR G 73 21.21 3.39 14.24
CA THR G 73 20.83 2.35 15.20
C THR G 73 22.13 1.77 15.74
N ILE G 74 22.49 2.15 16.97
CA ILE G 74 23.79 1.84 17.56
C ILE G 74 23.60 0.81 18.67
N THR G 75 24.40 -0.25 18.63
CA THR G 75 24.46 -1.23 19.71
C THR G 75 25.66 -0.86 20.58
N ALA G 76 25.38 -0.27 21.75
CA ALA G 76 26.40 0.15 22.68
C ALA G 76 26.17 -0.58 23.99
N GLY G 77 27.10 -1.46 24.34
CA GLY G 77 26.92 -2.28 25.53
C GLY G 77 25.69 -3.16 25.39
N SER G 78 24.77 -3.03 26.35
CA SER G 78 23.52 -3.79 26.33
C SER G 78 22.35 -2.96 25.83
N LYS G 79 22.60 -1.80 25.22
CA LYS G 79 21.55 -0.90 24.77
C LYS G 79 21.57 -0.74 23.25
N VAL G 80 20.39 -0.60 22.68
CA VAL G 80 20.22 -0.28 21.26
C VAL G 80 19.63 1.13 21.20
N ILE G 81 20.41 2.08 20.70
CA ILE G 81 20.04 3.49 20.64
C ILE G 81 19.79 3.87 19.19
N GLN G 82 18.63 4.45 18.92
CA GLN G 82 18.26 4.89 17.59
C GLN G 82 18.21 6.40 17.53
N ASN G 83 18.76 6.96 16.45
CA ASN G 83 18.80 8.40 16.28
C ASN G 83 18.63 8.73 14.81
N GLU G 84 18.21 9.96 14.55
CA GLU G 84 17.96 10.44 13.20
C GLU G 84 18.39 11.89 13.10
N PHE G 85 19.04 12.26 12.00
CA PHE G 85 19.49 13.64 11.86
C PHE G 85 19.71 13.96 10.38
N THR G 86 19.75 15.27 10.10
CA THR G 86 20.16 15.80 8.81
C THR G 86 21.42 16.62 9.01
N VAL G 87 22.42 16.40 8.16
CA VAL G 87 23.70 17.10 8.30
C VAL G 87 23.47 18.60 8.17
N GLY G 88 24.06 19.37 9.08
CA GLY G 88 23.91 20.80 9.09
C GLY G 88 22.65 21.31 9.77
N GLU G 89 21.70 20.43 10.08
CA GLU G 89 20.47 20.81 10.75
C GLU G 89 20.49 20.39 12.20
N GLU G 90 19.94 21.25 13.06
CA GLU G 90 19.87 20.93 14.49
C GLU G 90 18.91 19.76 14.72
N CYS G 91 19.33 18.83 15.57
CA CYS G 91 18.54 17.65 15.85
CA CYS G 91 18.57 17.61 15.84
C CYS G 91 18.70 17.26 17.31
N GLU G 92 17.72 16.53 17.82
CA GLU G 92 17.70 16.07 19.21
C GLU G 92 18.13 14.60 19.23
N LEU G 93 19.28 14.33 19.85
CA LEU G 93 19.85 12.99 19.90
C LEU G 93 19.76 12.44 21.33
N GLU G 94 19.41 11.17 21.45
CA GLU G 94 19.40 10.49 22.73
C GLU G 94 20.79 9.92 22.99
N THR G 95 21.38 10.29 24.11
CA THR G 95 22.75 9.88 24.43
C THR G 95 22.75 8.49 25.06
N MET G 96 23.96 8.04 25.43
CA MET G 96 24.11 6.74 26.08
C MET G 96 23.37 6.70 27.41
N THR G 97 23.39 7.79 28.17
CA THR G 97 22.73 7.89 29.46
C THR G 97 21.22 8.08 29.34
N GLY G 98 20.66 7.97 28.14
CA GLY G 98 19.26 8.23 27.91
C GLY G 98 18.88 9.69 27.80
N GLU G 99 19.74 10.60 28.23
CA GLU G 99 19.48 12.03 28.10
C GLU G 99 19.46 12.42 26.63
N LYS G 100 18.52 13.30 26.26
CA LYS G 100 18.43 13.79 24.90
C LYS G 100 19.04 15.18 24.82
N VAL G 101 20.00 15.34 23.91
CA VAL G 101 20.68 16.62 23.69
C VAL G 101 20.46 17.06 22.26
N LYS G 102 20.53 18.37 22.05
CA LYS G 102 20.38 18.96 20.72
C LYS G 102 21.73 19.44 20.23
N THR G 103 22.08 19.01 19.01
CA THR G 103 23.38 19.35 18.43
C THR G 103 23.27 19.28 16.91
N VAL G 104 24.36 19.61 16.23
CA VAL G 104 24.45 19.61 14.78
C VAL G 104 25.58 18.69 14.36
N VAL G 105 25.31 17.78 13.43
CA VAL G 105 26.32 16.88 12.88
C VAL G 105 26.79 17.44 11.55
N GLN G 106 28.10 17.45 11.34
CA GLN G 106 28.71 18.05 10.17
C GLN G 106 29.58 17.03 9.44
N LEU G 107 29.71 17.23 8.12
CA LEU G 107 30.51 16.37 7.27
C LEU G 107 31.87 17.01 6.99
N GLU G 108 32.95 16.27 7.24
CA GLU G 108 34.30 16.68 6.89
C GLU G 108 34.83 15.75 5.81
N GLY G 109 35.28 16.33 4.70
CA GLY G 109 35.73 15.52 3.58
C GLY G 109 34.58 14.73 2.98
N ASP G 110 34.87 13.49 2.61
CA ASP G 110 33.86 12.58 2.07
C ASP G 110 33.63 11.36 2.95
N ASN G 111 34.16 11.35 4.18
CA ASN G 111 34.03 10.15 5.00
C ASN G 111 34.04 10.41 6.50
N LYS G 112 33.84 11.66 6.95
CA LYS G 112 33.86 11.98 8.37
C LYS G 112 32.55 12.65 8.78
N LEU G 113 31.95 12.15 9.86
CA LEU G 113 30.80 12.77 10.50
C LEU G 113 31.23 13.24 11.88
N VAL G 114 31.17 14.56 12.11
CA VAL G 114 31.72 15.18 13.30
C VAL G 114 30.60 15.91 14.05
N THR G 115 30.60 15.78 15.37
CA THR G 115 29.66 16.50 16.22
C THR G 115 30.25 16.61 17.62
N THR G 116 29.73 17.57 18.38
CA THR G 116 30.21 17.83 19.73
C THR G 116 29.03 18.09 20.65
N PHE G 117 28.98 17.39 21.77
CA PHE G 117 27.90 17.55 22.74
C PHE G 117 28.39 17.18 24.13
N LYS G 118 28.17 18.07 25.09
CA LYS G 118 28.56 17.88 26.49
C LYS G 118 30.03 17.48 26.61
N ASN G 119 30.89 18.30 25.99
CA ASN G 119 32.35 18.14 26.03
C ASN G 119 32.83 16.84 25.41
N ILE G 120 32.03 16.21 24.56
CA ILE G 120 32.40 14.97 23.90
C ILE G 120 32.58 15.24 22.42
N LYS G 121 33.81 15.06 21.93
CA LYS G 121 34.14 15.21 20.52
C LYS G 121 33.93 13.86 19.83
N SER G 122 32.90 13.77 19.00
CA SER G 122 32.56 12.53 18.30
C SER G 122 33.00 12.64 16.84
N VAL G 123 33.76 11.65 16.38
CA VAL G 123 34.24 11.59 15.01
C VAL G 123 33.97 10.19 14.47
N THR G 124 33.26 10.13 13.35
CA THR G 124 32.91 8.86 12.70
C THR G 124 33.51 8.86 11.29
N GLU G 125 34.53 8.03 11.09
CA GLU G 125 35.24 7.97 9.81
C GLU G 125 34.99 6.61 9.16
N LEU G 126 34.64 6.62 7.87
CA LEU G 126 34.37 5.42 7.10
C LEU G 126 35.50 5.22 6.10
N ASN G 127 36.29 4.15 6.28
CA ASN G 127 37.38 3.81 5.39
C ASN G 127 37.04 2.47 4.74
N GLY G 128 36.48 2.53 3.53
CA GLY G 128 36.05 1.32 2.85
C GLY G 128 34.91 0.64 3.56
N ASP G 129 35.14 -0.58 4.03
CA ASP G 129 34.16 -1.31 4.83
C ASP G 129 34.39 -1.16 6.32
N ILE G 130 35.45 -0.46 6.72
CA ILE G 130 35.79 -0.26 8.13
C ILE G 130 35.32 1.12 8.55
N ILE G 131 34.54 1.19 9.63
CA ILE G 131 34.07 2.44 10.19
C ILE G 131 34.66 2.59 11.59
N THR G 132 35.15 3.80 11.89
CA THR G 132 35.77 4.10 13.17
C THR G 132 35.01 5.24 13.84
N ASN G 133 34.51 4.98 15.05
CA ASN G 133 33.79 5.96 15.84
C ASN G 133 34.63 6.33 17.05
N THR G 134 35.13 7.56 17.07
CA THR G 134 35.97 8.06 18.16
C THR G 134 35.19 9.10 18.96
N MET G 135 35.11 8.88 20.27
CA MET G 135 34.42 9.79 21.18
C MET G 135 35.40 10.19 22.28
N THR G 136 35.79 11.46 22.30
CA THR G 136 36.78 11.97 23.24
C THR G 136 36.09 12.78 24.32
N LEU G 137 36.35 12.44 25.58
CA LEU G 137 35.85 13.16 26.74
C LEU G 137 37.04 13.42 27.64
N GLY G 138 37.66 14.59 27.49
CA GLY G 138 38.89 14.90 28.20
C GLY G 138 40.07 14.08 27.71
N ASP G 139 40.66 13.29 28.59
CA ASP G 139 41.78 12.42 28.22
C ASP G 139 41.33 11.08 27.66
N ILE G 140 40.06 10.70 27.86
CA ILE G 140 39.59 9.38 27.47
C ILE G 140 39.20 9.40 25.99
N VAL G 141 39.76 8.46 25.23
CA VAL G 141 39.50 8.33 23.80
C VAL G 141 38.77 7.01 23.59
N PHE G 142 37.44 7.07 23.53
CA PHE G 142 36.62 5.89 23.27
C PHE G 142 36.61 5.61 21.78
N LYS G 143 37.32 4.56 21.37
CA LYS G 143 37.48 4.22 19.96
C LYS G 143 36.78 2.89 19.68
N ARG G 144 35.89 2.91 18.69
CA ARG G 144 35.17 1.72 18.24
C ARG G 144 35.47 1.48 16.78
N ILE G 145 35.83 0.25 16.43
CA ILE G 145 36.14 -0.14 15.06
C ILE G 145 35.17 -1.23 14.66
N SER G 146 34.39 -0.98 13.61
CA SER G 146 33.40 -1.92 13.12
C SER G 146 33.61 -2.18 11.63
N LYS G 147 33.16 -3.34 11.18
CA LYS G 147 33.25 -3.74 9.78
C LYS G 147 31.84 -3.95 9.24
N ARG G 148 31.58 -3.42 8.04
CA ARG G 148 30.29 -3.63 7.40
C ARG G 148 30.10 -5.10 7.02
N ILE G 149 28.90 -5.61 7.29
CA ILE G 149 28.57 -6.99 6.99
C ILE G 149 27.44 -7.03 5.97
N GLY H 14 24.62 -50.89 32.91
CA GLY H 14 24.91 -50.43 31.56
C GLY H 14 24.31 -49.06 31.26
N THR H 15 24.82 -48.43 30.21
CA THR H 15 24.34 -47.11 29.79
C THR H 15 23.97 -47.16 28.32
N GLU H 16 23.16 -46.18 27.90
CA GLU H 16 22.74 -46.06 26.52
C GLU H 16 23.18 -44.71 25.96
N ASN H 17 23.43 -44.71 24.66
CA ASN H 17 23.89 -43.53 23.94
C ASN H 17 22.77 -42.97 23.08
N LEU H 18 22.46 -41.69 23.27
CA LEU H 18 21.43 -41.01 22.50
C LEU H 18 22.12 -40.00 21.60
N TYR H 19 22.21 -40.33 20.32
CA TYR H 19 22.91 -39.51 19.34
C TYR H 19 21.90 -38.67 18.57
N PHE H 20 22.10 -37.36 18.55
CA PHE H 20 21.22 -36.46 17.83
C PHE H 20 22.02 -35.62 16.85
N GLN H 21 21.31 -35.06 15.87
CA GLN H 21 21.92 -34.16 14.90
C GLN H 21 20.90 -33.07 14.63
N SER H 22 21.35 -31.82 14.63
CA SER H 22 20.47 -30.69 14.40
C SER H 22 21.07 -29.76 13.35
N MET H 23 20.22 -28.92 12.78
CA MET H 23 20.71 -27.86 11.91
C MET H 23 21.55 -26.87 12.71
N SER H 24 22.55 -26.30 12.04
CA SER H 24 23.42 -25.33 12.70
C SER H 24 22.65 -24.04 12.95
N PHE H 25 22.44 -23.71 14.23
CA PHE H 25 21.78 -22.46 14.59
C PHE H 25 22.73 -21.27 14.56
N SER H 26 24.03 -21.49 14.38
CA SER H 26 24.99 -20.40 14.39
C SER H 26 24.72 -19.45 13.22
N GLY H 27 24.82 -18.17 13.51
CA GLY H 27 24.64 -17.15 12.48
C GLY H 27 24.07 -15.87 13.07
N LYS H 28 24.10 -14.83 12.26
CA LYS H 28 23.51 -13.55 12.60
C LYS H 28 22.17 -13.40 11.89
N TYR H 29 21.14 -13.00 12.63
CA TYR H 29 19.77 -12.99 12.13
C TYR H 29 19.19 -11.59 12.25
N GLN H 30 18.63 -11.09 11.14
CA GLN H 30 18.03 -9.76 11.08
C GLN H 30 16.52 -9.89 11.30
N LEU H 31 16.02 -9.24 12.35
CA LEU H 31 14.59 -9.26 12.63
C LEU H 31 13.82 -8.62 11.48
N GLN H 32 12.81 -9.34 10.99
CA GLN H 32 12.01 -8.90 9.85
C GLN H 32 10.54 -8.69 10.21
N SER H 33 9.92 -9.66 10.86
CA SER H 33 8.52 -9.58 11.24
C SER H 33 8.38 -9.73 12.75
N GLN H 34 7.35 -9.07 13.30
CA GLN H 34 7.15 -9.08 14.75
C GLN H 34 5.67 -8.83 15.03
N GLU H 35 5.05 -9.72 15.78
CA GLU H 35 3.64 -9.65 16.12
C GLU H 35 3.47 -9.65 17.63
N ASN H 36 2.53 -8.82 18.11
CA ASN H 36 2.16 -8.76 19.52
C ASN H 36 3.35 -8.39 20.40
N PHE H 37 4.20 -7.48 19.91
CA PHE H 37 5.29 -6.98 20.72
C PHE H 37 4.77 -6.23 21.93
N GLU H 38 3.92 -5.22 21.70
CA GLU H 38 3.40 -4.40 22.79
C GLU H 38 2.58 -5.24 23.76
N ALA H 39 1.71 -6.10 23.24
CA ALA H 39 0.88 -6.94 24.10
C ALA H 39 1.72 -7.85 24.99
N PHE H 40 2.76 -8.48 24.41
CA PHE H 40 3.60 -9.38 25.20
C PHE H 40 4.41 -8.61 26.22
N MET H 41 5.02 -7.49 25.81
CA MET H 41 5.84 -6.70 26.73
C MET H 41 4.99 -6.11 27.84
N LYS H 42 3.75 -5.73 27.53
CA LYS H 42 2.84 -5.26 28.57
C LYS H 42 2.51 -6.38 29.55
N ALA H 43 2.34 -7.60 29.05
CA ALA H 43 1.99 -8.73 29.93
C ALA H 43 3.12 -9.07 30.89
N ILE H 44 4.37 -8.98 30.44
CA ILE H 44 5.51 -9.31 31.29
C ILE H 44 5.94 -8.14 32.17
N GLY H 45 5.23 -7.02 32.12
CA GLY H 45 5.55 -5.91 33.00
C GLY H 45 6.67 -5.01 32.54
N LEU H 46 6.92 -4.96 31.23
CA LEU H 46 7.93 -4.06 30.72
C LEU H 46 7.43 -2.62 30.81
N PRO H 47 8.27 -1.68 31.27
CA PRO H 47 7.83 -0.28 31.37
C PRO H 47 7.37 0.25 30.02
N GLU H 48 6.28 1.02 30.05
CA GLU H 48 5.73 1.58 28.82
C GLU H 48 6.74 2.46 28.09
N GLU H 49 7.68 3.05 28.84
CA GLU H 49 8.74 3.83 28.22
C GLU H 49 9.55 3.00 27.23
N LEU H 50 9.99 1.82 27.66
CA LEU H 50 10.79 0.96 26.78
C LEU H 50 9.95 0.29 25.71
N ILE H 51 8.66 0.06 25.97
CA ILE H 51 7.80 -0.61 24.99
C ILE H 51 7.68 0.21 23.72
N GLN H 52 7.24 1.46 23.86
CA GLN H 52 7.14 2.34 22.69
C GLN H 52 8.50 2.67 22.10
N LYS H 53 9.55 2.66 22.94
CA LYS H 53 10.88 3.03 22.46
C LYS H 53 11.45 1.98 21.52
N GLY H 54 11.18 0.70 21.79
CA GLY H 54 11.76 -0.39 21.02
C GLY H 54 10.79 -1.21 20.21
N LYS H 55 9.53 -0.79 20.08
CA LYS H 55 8.55 -1.61 19.37
C LYS H 55 8.86 -1.69 17.88
N ASP H 56 9.53 -0.70 17.32
CA ASP H 56 9.82 -0.65 15.89
C ASP H 56 11.27 -0.99 15.57
N ILE H 57 12.09 -1.29 16.58
CA ILE H 57 13.48 -1.64 16.33
C ILE H 57 13.57 -3.06 15.77
N LYS H 58 14.22 -3.20 14.62
CA LYS H 58 14.47 -4.49 13.98
C LYS H 58 15.97 -4.69 13.93
N GLY H 59 16.53 -5.22 15.02
CA GLY H 59 17.96 -5.38 15.15
C GLY H 59 18.45 -6.74 14.67
N VAL H 60 19.71 -7.01 14.99
CA VAL H 60 20.39 -8.24 14.57
C VAL H 60 20.78 -9.02 15.82
N SER H 61 20.40 -10.30 15.86
CA SER H 61 20.81 -11.21 16.92
C SER H 61 21.78 -12.24 16.35
N GLU H 62 22.62 -12.78 17.23
CA GLU H 62 23.63 -13.76 16.83
C GLU H 62 23.56 -14.98 17.74
N ILE H 63 23.70 -16.16 17.15
CA ILE H 63 23.77 -17.42 17.86
C ILE H 63 25.10 -18.09 17.54
N VAL H 64 25.73 -18.67 18.54
CA VAL H 64 26.97 -19.41 18.38
C VAL H 64 26.73 -20.80 18.95
N GLN H 65 26.59 -21.79 18.08
CA GLN H 65 26.31 -23.17 18.47
C GLN H 65 27.53 -24.04 18.27
N ASN H 66 27.92 -24.76 19.32
CA ASN H 66 29.03 -25.71 19.28
CA ASN H 66 29.03 -25.72 19.27
C ASN H 66 28.54 -27.00 19.95
N GLY H 67 27.96 -27.88 19.16
CA GLY H 67 27.36 -29.09 19.69
C GLY H 67 26.03 -28.78 20.36
N LYS H 68 25.90 -29.11 21.64
CA LYS H 68 24.72 -28.77 22.41
C LYS H 68 24.92 -27.51 23.24
N HIS H 69 25.98 -26.75 23.00
CA HIS H 69 26.26 -25.51 23.70
C HIS H 69 25.85 -24.32 22.85
N PHE H 70 25.18 -23.35 23.48
CA PHE H 70 24.66 -22.18 22.77
C PHE H 70 24.99 -20.91 23.53
N LYS H 71 25.32 -19.86 22.78
CA LYS H 71 25.40 -18.49 23.31
C LYS H 71 24.58 -17.60 22.40
N PHE H 72 23.55 -16.96 22.96
CA PHE H 72 22.58 -16.19 22.19
C PHE H 72 22.62 -14.73 22.64
N THR H 73 23.10 -13.85 21.77
CA THR H 73 23.05 -12.41 21.98
C THR H 73 21.83 -11.89 21.22
N ILE H 74 20.78 -11.54 21.96
CA ILE H 74 19.48 -11.21 21.38
C ILE H 74 19.24 -9.72 21.49
N THR H 75 18.85 -9.09 20.38
CA THR H 75 18.44 -7.70 20.35
C THR H 75 16.92 -7.63 20.40
N ALA H 76 16.37 -7.27 21.55
CA ALA H 76 14.93 -7.18 21.76
C ALA H 76 14.58 -5.74 22.12
N GLY H 77 13.87 -5.06 21.21
CA GLY H 77 13.54 -3.67 21.44
C GLY H 77 14.80 -2.84 21.56
N SER H 78 14.93 -2.14 22.69
CA SER H 78 16.10 -1.33 22.98
C SER H 78 17.09 -2.04 23.90
N LYS H 79 16.95 -3.35 24.07
CA LYS H 79 17.77 -4.12 24.99
C LYS H 79 18.60 -5.14 24.22
N VAL H 80 19.83 -5.37 24.68
CA VAL H 80 20.69 -6.43 24.17
C VAL H 80 20.86 -7.45 25.29
N ILE H 81 20.30 -8.64 25.10
CA ILE H 81 20.31 -9.69 26.10
C ILE H 81 21.24 -10.80 25.66
N GLN H 82 22.20 -11.14 26.53
CA GLN H 82 23.15 -12.21 26.27
C GLN H 82 22.88 -13.35 27.25
N ASN H 83 22.89 -14.58 26.74
CA ASN H 83 22.59 -15.74 27.56
C ASN H 83 23.41 -16.92 27.09
N GLU H 84 23.52 -17.92 27.98
CA GLU H 84 24.31 -19.12 27.73
C GLU H 84 23.58 -20.32 28.30
N PHE H 85 23.58 -21.43 27.56
CA PHE H 85 22.92 -22.63 28.03
C PHE H 85 23.47 -23.85 27.30
N THR H 86 23.28 -25.01 27.93
CA THR H 86 23.54 -26.31 27.31
C THR H 86 22.22 -27.07 27.24
N VAL H 87 21.93 -27.65 26.08
CA VAL H 87 20.67 -28.37 25.90
C VAL H 87 20.60 -29.52 26.89
N GLY H 88 19.46 -29.65 27.57
CA GLY H 88 19.27 -30.69 28.55
C GLY H 88 19.84 -30.39 29.92
N GLU H 89 20.68 -29.37 30.04
CA GLU H 89 21.30 -28.97 31.30
C GLU H 89 20.64 -27.69 31.82
N GLU H 90 20.49 -27.60 33.14
CA GLU H 90 19.89 -26.41 33.74
C GLU H 90 20.77 -25.19 33.51
N CYS H 91 20.11 -24.08 33.17
CA CYS H 91 20.80 -22.84 32.84
C CYS H 91 20.07 -21.67 33.47
N GLU H 92 20.79 -20.59 33.70
CA GLU H 92 20.22 -19.35 34.21
C GLU H 92 20.18 -18.33 33.08
N LEU H 93 18.97 -17.95 32.67
CA LEU H 93 18.77 -17.04 31.55
C LEU H 93 18.25 -15.71 32.07
N GLU H 94 18.76 -14.62 31.50
CA GLU H 94 18.28 -13.28 31.82
C GLU H 94 17.08 -12.96 30.93
N THR H 95 15.96 -12.61 31.56
CA THR H 95 14.74 -12.34 30.82
C THR H 95 14.73 -10.91 30.31
N MET H 96 13.61 -10.52 29.67
CA MET H 96 13.50 -9.16 29.15
C MET H 96 13.55 -8.13 30.27
N THR H 97 12.93 -8.44 31.41
CA THR H 97 12.92 -7.55 32.56
C THR H 97 14.23 -7.56 33.34
N GLY H 98 15.27 -8.21 32.81
CA GLY H 98 16.53 -8.34 33.52
C GLY H 98 16.55 -9.42 34.58
N GLU H 99 15.40 -9.92 34.99
CA GLU H 99 15.35 -10.99 35.98
C GLU H 99 15.94 -12.27 35.42
N LYS H 100 16.69 -12.99 36.25
CA LYS H 100 17.32 -14.24 35.87
C LYS H 100 16.50 -15.41 36.39
N VAL H 101 16.11 -16.30 35.48
CA VAL H 101 15.34 -17.50 35.83
C VAL H 101 16.14 -18.72 35.40
N LYS H 102 15.92 -19.83 36.09
CA LYS H 102 16.59 -21.09 35.79
C LYS H 102 15.61 -22.05 35.13
N THR H 103 16.01 -22.60 33.99
CA THR H 103 15.15 -23.48 33.21
C THR H 103 16.05 -24.38 32.35
N VAL H 104 15.42 -25.28 31.60
CA VAL H 104 16.12 -26.21 30.72
C VAL H 104 15.59 -26.02 29.30
N VAL H 105 16.52 -25.87 28.36
CA VAL H 105 16.20 -25.76 26.94
C VAL H 105 16.41 -27.12 26.29
N GLN H 106 15.44 -27.55 25.49
CA GLN H 106 15.46 -28.87 24.89
C GLN H 106 15.33 -28.77 23.37
N LEU H 107 15.87 -29.77 22.68
CA LEU H 107 15.80 -29.86 21.23
C LEU H 107 14.68 -30.81 20.82
N GLU H 108 13.79 -30.33 19.96
CA GLU H 108 12.74 -31.14 19.36
C GLU H 108 13.01 -31.28 17.87
N GLY H 109 13.08 -32.51 17.39
CA GLY H 109 13.46 -32.74 16.00
C GLY H 109 14.90 -32.32 15.76
N ASP H 110 15.15 -31.70 14.61
CA ASP H 110 16.47 -31.19 14.26
C ASP H 110 16.50 -29.68 14.09
N ASN H 111 15.42 -28.98 14.48
CA ASN H 111 15.39 -27.54 14.21
C ASN H 111 14.55 -26.75 15.22
N LYS H 112 14.20 -27.32 16.37
CA LYS H 112 13.40 -26.63 17.36
C LYS H 112 14.12 -26.60 18.71
N LEU H 113 14.20 -25.41 19.30
CA LEU H 113 14.71 -25.24 20.66
C LEU H 113 13.54 -24.80 21.54
N VAL H 114 13.21 -25.61 22.54
CA VAL H 114 12.01 -25.44 23.35
C VAL H 114 12.40 -25.29 24.81
N THR H 115 11.73 -24.35 25.49
CA THR H 115 11.92 -24.16 26.93
C THR H 115 10.65 -23.50 27.47
N THR H 116 10.45 -23.66 28.77
CA THR H 116 9.26 -23.13 29.44
C THR H 116 9.63 -22.53 30.78
N PHE H 117 9.18 -21.30 31.02
CA PHE H 117 9.48 -20.62 32.28
C PHE H 117 8.39 -19.60 32.57
N LYS H 118 7.84 -19.66 33.78
CA LYS H 118 6.80 -18.74 34.25
C LYS H 118 5.66 -18.62 33.26
N ASN H 119 5.08 -19.77 32.91
CA ASN H 119 3.92 -19.87 32.02
C ASN H 119 4.18 -19.32 30.62
N ILE H 120 5.44 -19.27 30.19
CA ILE H 120 5.80 -18.78 28.87
C ILE H 120 6.31 -19.95 28.04
N LYS H 121 5.57 -20.27 26.98
CA LYS H 121 5.94 -21.34 26.05
C LYS H 121 6.80 -20.73 24.94
N SER H 122 8.09 -21.04 24.95
CA SER H 122 9.04 -20.52 23.97
C SER H 122 9.39 -21.61 22.96
N VAL H 123 9.25 -21.29 21.67
CA VAL H 123 9.56 -22.21 20.59
C VAL H 123 10.40 -21.45 19.56
N THR H 124 11.58 -21.98 19.24
CA THR H 124 12.48 -21.40 18.25
C THR H 124 12.73 -22.42 17.16
N GLU H 125 12.18 -22.18 15.97
CA GLU H 125 12.30 -23.10 14.85
C GLU H 125 13.13 -22.46 13.74
N LEU H 126 14.08 -23.22 13.20
CA LEU H 126 14.96 -22.77 12.13
C LEU H 126 14.61 -23.51 10.85
N ASN H 127 14.12 -22.77 9.86
CA ASN H 127 13.76 -23.32 8.55
C ASN H 127 14.67 -22.67 7.51
N GLY H 128 15.75 -23.37 7.15
CA GLY H 128 16.73 -22.83 6.23
C GLY H 128 17.49 -21.64 6.79
N ASP H 129 17.34 -20.48 6.15
CA ASP H 129 17.92 -19.24 6.65
C ASP H 129 16.94 -18.43 7.48
N ILE H 130 15.70 -18.88 7.59
CA ILE H 130 14.66 -18.18 8.35
C ILE H 130 14.52 -18.86 9.71
N ILE H 131 14.60 -18.07 10.77
CA ILE H 131 14.42 -18.56 12.13
C ILE H 131 13.15 -17.93 12.70
N THR H 132 12.33 -18.73 13.35
CA THR H 132 11.06 -18.29 13.91
C THR H 132 11.06 -18.56 15.40
N ASN H 133 10.89 -17.50 16.20
CA ASN H 133 10.83 -17.60 17.66
C ASN H 133 9.42 -17.28 18.10
N THR H 134 8.71 -18.29 18.60
CA THR H 134 7.33 -18.15 19.07
C THR H 134 7.32 -18.28 20.58
N MET H 135 6.78 -17.26 21.26
CA MET H 135 6.65 -17.26 22.71
C MET H 135 5.21 -16.98 23.09
N THR H 136 4.55 -17.95 23.71
CA THR H 136 3.15 -17.86 24.07
C THR H 136 3.02 -17.61 25.58
N LEU H 137 2.28 -16.57 25.94
CA LEU H 137 1.98 -16.24 27.34
C LEU H 137 0.47 -16.04 27.43
N GLY H 138 -0.23 -17.11 27.80
CA GLY H 138 -1.68 -17.10 27.81
C GLY H 138 -2.25 -17.03 26.40
N ASP H 139 -2.98 -15.97 26.11
CA ASP H 139 -3.51 -15.75 24.76
C ASP H 139 -2.53 -15.04 23.84
N ILE H 140 -1.49 -14.43 24.40
CA ILE H 140 -0.56 -13.64 23.61
C ILE H 140 0.49 -14.55 22.99
N VAL H 141 0.65 -14.46 21.68
CA VAL H 141 1.63 -15.23 20.94
C VAL H 141 2.64 -14.25 20.36
N PHE H 142 3.76 -14.06 21.05
CA PHE H 142 4.81 -13.16 20.60
C PHE H 142 5.67 -13.90 19.57
N LYS H 143 5.50 -13.54 18.30
CA LYS H 143 6.18 -14.20 17.20
C LYS H 143 7.16 -13.24 16.54
N ARG H 144 8.42 -13.66 16.43
CA ARG H 144 9.46 -12.90 15.76
C ARG H 144 10.03 -13.74 14.63
N ILE H 145 10.17 -13.13 13.45
CA ILE H 145 10.70 -13.80 12.27
C ILE H 145 11.97 -13.07 11.85
N SER H 146 13.09 -13.80 11.83
CA SER H 146 14.38 -13.24 11.45
C SER H 146 15.00 -14.07 10.35
N LYS H 147 15.87 -13.44 9.56
CA LYS H 147 16.56 -14.09 8.46
C LYS H 147 18.06 -14.03 8.70
N ARG H 148 18.74 -15.16 8.47
CA ARG H 148 20.20 -15.17 8.59
C ARG H 148 20.82 -14.31 7.50
N ILE H 149 21.81 -13.50 7.90
CA ILE H 149 22.49 -12.62 6.97
C ILE H 149 23.96 -13.00 6.86
#